data_8IEG
#
_entry.id   8IEG
#
_cell.length_a   1.00
_cell.length_b   1.00
_cell.length_c   1.00
_cell.angle_alpha   90.00
_cell.angle_beta   90.00
_cell.angle_gamma   90.00
#
_symmetry.space_group_name_H-M   'P 1'
#
loop_
_entity.id
_entity.type
_entity.pdbx_description
1 polymer 'Histone H3.1'
2 polymer 'Histone H4'
3 polymer 'Histone H2A type 1-B/E'
4 polymer 'Histone H2B type 1-K'
5 polymer 'Histone H2B type 1-K'
6 polymer 'DNA (147-MER)'
7 polymer 'DNA (147-MER)'
8 polymer 'E3 ubiquitin-protein ligase BRE1'
9 polymer 'Ubiquitin-conjugating enzyme E2 2'
10 non-polymer 'ZINC ION'
#
loop_
_entity_poly.entity_id
_entity_poly.type
_entity_poly.pdbx_seq_one_letter_code
_entity_poly.pdbx_strand_id
1 'polypeptide(L)'
;KPHRYRPGTVALREIRRYQKSTELLIRKLPFQRLVREIAQDFKTDLRFQSSAVMALQEACEAYLVGLFEDTNLCAIHAKR
VTIMPKDIQLARRIRGER
;
K,E
2 'polypeptide(L)' LRDNIQGITKPAIRRLARRGGVKRISGLIYEETRGVLKVFLENVIRDAVTYTEHAKRKTVTAMDVVYALKRQGRTLYGFG L,F
3 'polypeptide(L)'
;ARAKAKTRSSRAGLQFPVGRVHRLLRKGNYSERVGAGAPVYLAAVLEYLTAEILELAGNAARDNKKTRIIPRHLQLAIRN
DEELNKLLGRVTIAQGGVLPNIQAVLLPK
;
C,G
4 'polypeptide(L)'
;RSRKESYSVYVYKVLKQVHPDTGISSKAMGIMNSFVNDIFERIAGEASRLAHYNKRSTITSREIQTAVRLLLPGELAKHA
VSEGTKAVTCYTSA
;
D
5 'polypeptide(L)'
;RSRKESYSVYVYKVLKQVHPDTGISSKAMGIMNSFVNDIFERIAGEASRLAHYNKRSTITSREIQTAVRLLLPGELAKHA
VSEGTKAVTKYTSA
;
H
6 'polydeoxyribonucleotide'
;(DA)(DC)(DA)(DG)(DG)(DA)(DT)(DG)(DT)(DA)(DT)(DA)(DT)(DA)(DT)(DC)(DT)(DG)(DA)(DC)
(DA)(DC)(DG)(DT)(DG)(DC)(DC)(DT)(DG)(DG)(DA)(DG)(DA)(DC)(DT)(DA)(DG)(DG)(DG)(DA)
(DG)(DT)(DA)(DA)(DT)(DC)(DC)(DC)(DC)(DT)(DT)(DG)(DG)(DC)(DG)(DG)(DT)(DT)(DA)(DA)
(DA)(DA)(DC)(DG)(DC)(DG)(DG)(DG)(DG)(DG)(DA)(DC)(DA)(DG)(DC)(DG)(DC)(DG)(DT)(DA)
(DC)(DG)(DT)(DG)(DC)(DG)(DT)(DT)(DT)(DA)(DA)(DG)(DC)(DG)(DG)(DT)(DG)(DC)(DT)(DA)
(DG)(DA)(DG)(DC)(DT)(DG)(DT)(DC)(DT)(DA)(DC)(DG)(DA)(DC)(DC)(DA)(DA)(DT)(DT)(DG)
(DA)(DG)(DC)(DG)(DG)(DC)(DC)(DT)(DC)(DG)(DG)(DC)(DA)(DC)(DC)(DG)(DG)(DG)(DA)(DT)
(DT)(DC)(DT)(DC)(DC)(DA)(DG)
;
I
7 'polydeoxyribonucleotide'
;(DC)(DT)(DG)(DG)(DA)(DG)(DA)(DA)(DT)(DC)(DC)(DC)(DG)(DG)(DT)(DG)(DC)(DC)(DG)(DA)
(DG)(DG)(DC)(DC)(DG)(DC)(DT)(DC)(DA)(DA)(DT)(DT)(DG)(DG)(DT)(DC)(DG)(DT)(DA)(DG)
(DA)(DC)(DA)(DG)(DC)(DT)(DC)(DT)(DA)(DG)(DC)(DA)(DC)(DC)(DG)(DC)(DT)(DT)(DA)(DA)
(DA)(DC)(DG)(DC)(DA)(DC)(DG)(DT)(DA)(DC)(DG)(DC)(DG)(DC)(DT)(DG)(DT)(DC)(DC)(DC)
(DC)(DC)(DG)(DC)(DG)(DT)(DT)(DT)(DT)(DA)(DA)(DC)(DC)(DG)(DC)(DC)(DA)(DA)(DG)(DG)
(DG)(DG)(DA)(DT)(DT)(DA)(DC)(DT)(DC)(DC)(DC)(DT)(DA)(DG)(DT)(DC)(DT)(DC)(DC)(DA)
(DG)(DG)(DC)(DA)(DC)(DG)(DT)(DG)(DT)(DC)(DA)(DG)(DA)(DT)(DA)(DT)(DA)(DT)(DA)(DC)
(DA)(DT)(DC)(DC)(DT)(DG)(DT)
;
J
8 'polypeptide(L)' EELANFRTLVYCSLCSKNWKNMAIKTCGHVFCENCCKERLAARMRKCPTCNKAFSSNDLLTVHL A,B
9 'polypeptide(L)'
;TPARRRLMRDFKRMKEDAPPGVSASPLPDNVMVWNAMIIGPADTPYEDGTFRLLLEFDEEYPNKPPHVKFLSEMFHPNVY
ANGEICLDILQNRWTPTYDVASILTSIQSLFNDPNPASPANVEAATLFKDHKSQYVKRVKETVEKSWE
;
R
#
# COMPACT_ATOMS: atom_id res chain seq x y z
N LYS A 1 29.80 -37.17 -40.56
CA LYS A 1 30.02 -35.81 -40.09
C LYS A 1 28.82 -35.29 -39.29
N PRO A 2 29.07 -34.88 -38.04
CA PRO A 2 27.97 -34.35 -37.22
C PRO A 2 27.45 -33.04 -37.79
N HIS A 3 26.14 -32.83 -37.64
CA HIS A 3 25.49 -31.60 -38.09
C HIS A 3 25.12 -30.77 -36.87
N ARG A 4 25.55 -29.50 -36.88
CA ARG A 4 25.25 -28.59 -35.77
C ARG A 4 24.83 -27.24 -36.33
N TYR A 5 23.74 -26.70 -35.80
CA TYR A 5 23.33 -25.35 -36.13
C TYR A 5 24.20 -24.34 -35.39
N ARG A 6 24.36 -23.16 -35.99
CA ARG A 6 25.08 -22.09 -35.33
C ARG A 6 24.29 -21.59 -34.12
N PRO A 7 24.97 -21.17 -33.05
CA PRO A 7 24.26 -20.73 -31.85
C PRO A 7 23.40 -19.49 -32.10
N GLY A 8 22.08 -19.67 -32.00
CA GLY A 8 21.15 -18.60 -32.26
C GLY A 8 20.02 -19.01 -33.18
N THR A 9 20.29 -19.95 -34.09
CA THR A 9 19.28 -20.38 -35.04
C THR A 9 18.12 -21.11 -34.36
N VAL A 10 18.43 -22.12 -33.53
CA VAL A 10 17.36 -22.81 -32.83
C VAL A 10 16.70 -21.92 -31.79
N ALA A 11 17.45 -20.97 -31.22
CA ALA A 11 16.85 -20.02 -30.29
C ALA A 11 15.83 -19.15 -31.00
N LEU A 12 16.14 -18.66 -32.20
CA LEU A 12 15.17 -17.89 -32.96
C LEU A 12 13.97 -18.73 -33.36
N ARG A 13 14.21 -19.97 -33.81
CA ARG A 13 13.10 -20.82 -34.21
C ARG A 13 12.19 -21.18 -33.03
N GLU A 14 12.74 -21.38 -31.83
CA GLU A 14 11.91 -21.63 -30.66
C GLU A 14 11.28 -20.35 -30.12
N ILE A 15 11.85 -19.18 -30.40
CA ILE A 15 11.13 -17.94 -30.15
C ILE A 15 9.87 -17.89 -31.00
N ARG A 16 10.01 -18.20 -32.29
CA ARG A 16 8.85 -18.25 -33.17
C ARG A 16 7.87 -19.33 -32.73
N ARG A 17 8.37 -20.47 -32.27
CA ARG A 17 7.53 -21.61 -31.90
C ARG A 17 6.70 -21.32 -30.67
N TYR A 18 7.31 -20.71 -29.64
CA TYR A 18 6.62 -20.37 -28.40
C TYR A 18 5.88 -19.04 -28.43
N GLN A 19 6.12 -18.20 -29.45
CA GLN A 19 5.29 -17.01 -29.59
C GLN A 19 4.04 -17.27 -30.42
N LYS A 20 3.91 -18.47 -30.98
CA LYS A 20 2.75 -18.85 -31.79
C LYS A 20 1.75 -19.71 -31.02
N SER A 21 2.20 -20.44 -30.00
CA SER A 21 1.34 -21.31 -29.22
C SER A 21 0.77 -20.56 -28.02
N THR A 22 -0.17 -21.22 -27.33
CA THR A 22 -0.81 -20.65 -26.16
C THR A 22 -0.76 -21.57 -24.93
N GLU A 23 0.04 -22.63 -24.97
CA GLU A 23 0.09 -23.58 -23.88
C GLU A 23 0.78 -22.98 -22.66
N LEU A 24 0.66 -23.67 -21.54
CA LEU A 24 1.32 -23.28 -20.31
C LEU A 24 2.74 -23.84 -20.31
N LEU A 25 3.71 -23.01 -19.95
CA LEU A 25 5.11 -23.37 -20.04
C LEU A 25 5.68 -23.97 -18.76
N ILE A 26 5.07 -23.70 -17.62
CA ILE A 26 5.52 -24.28 -16.36
C ILE A 26 4.78 -25.58 -16.10
N ARG A 27 5.47 -26.56 -15.54
CA ARG A 27 4.85 -27.85 -15.24
C ARG A 27 3.83 -27.70 -14.13
N LYS A 28 2.63 -28.23 -14.39
CA LYS A 28 1.46 -27.95 -13.56
C LYS A 28 1.61 -28.50 -12.14
N LEU A 29 2.11 -29.72 -12.00
CA LEU A 29 2.17 -30.33 -10.68
C LEU A 29 3.18 -29.64 -9.76
N PRO A 30 4.41 -29.39 -10.20
CA PRO A 30 5.31 -28.57 -9.36
C PRO A 30 4.83 -27.15 -9.14
N PHE A 31 4.16 -26.54 -10.11
CA PHE A 31 3.59 -25.21 -9.82
C PHE A 31 2.53 -25.29 -8.74
N GLN A 32 1.68 -26.31 -8.77
CA GLN A 32 0.67 -26.48 -7.72
C GLN A 32 1.33 -26.71 -6.37
N ARG A 33 2.40 -27.52 -6.32
CA ARG A 33 3.11 -27.70 -5.06
C ARG A 33 3.69 -26.39 -4.54
N LEU A 34 4.25 -25.56 -5.42
CA LEU A 34 4.75 -24.26 -5.00
C LEU A 34 3.63 -23.38 -4.46
N VAL A 35 2.48 -23.38 -5.13
CA VAL A 35 1.33 -22.58 -4.69
C VAL A 35 0.91 -23.01 -3.28
N ARG A 36 0.81 -24.33 -3.06
CA ARG A 36 0.40 -24.82 -1.75
C ARG A 36 1.45 -24.50 -0.68
N GLU A 37 2.73 -24.62 -1.01
CA GLU A 37 3.76 -24.26 -0.06
C GLU A 37 3.66 -22.79 0.35
N ILE A 38 3.47 -21.91 -0.63
CA ILE A 38 3.34 -20.49 -0.30
C ILE A 38 2.09 -20.24 0.53
N ALA A 39 0.98 -20.93 0.20
CA ALA A 39 -0.25 -20.77 0.96
C ALA A 39 -0.14 -21.29 2.38
N GLN A 40 0.79 -22.21 2.65
CA GLN A 40 0.99 -22.71 4.01
C GLN A 40 1.41 -21.61 4.98
N ASP A 41 1.96 -20.51 4.50
CA ASP A 41 2.46 -19.45 5.36
C ASP A 41 1.37 -18.51 5.85
N PHE A 42 0.15 -18.63 5.37
CA PHE A 42 -0.93 -17.73 5.76
C PHE A 42 -2.05 -18.44 6.51
N LYS A 43 -2.40 -19.67 6.12
CA LYS A 43 -3.42 -20.44 6.79
C LYS A 43 -3.13 -21.92 6.59
N THR A 44 -3.21 -22.69 7.67
CA THR A 44 -2.94 -24.12 7.58
C THR A 44 -4.08 -24.85 6.90
N ASP A 45 -3.79 -26.09 6.49
CA ASP A 45 -4.69 -27.05 5.86
C ASP A 45 -5.72 -26.41 4.92
N LEU A 46 -5.26 -25.51 4.06
CA LEU A 46 -6.13 -24.92 3.05
C LEU A 46 -6.40 -25.93 1.92
N ARG A 47 -7.54 -25.76 1.26
CA ARG A 47 -7.87 -26.52 0.06
C ARG A 47 -7.95 -25.56 -1.12
N PHE A 48 -7.56 -26.06 -2.28
CA PHE A 48 -7.49 -25.25 -3.49
C PHE A 48 -8.35 -25.88 -4.57
N GLN A 49 -9.10 -25.03 -5.28
CA GLN A 49 -9.78 -25.49 -6.48
C GLN A 49 -8.78 -25.58 -7.64
N SER A 50 -8.99 -26.59 -8.49
CA SER A 50 -8.15 -26.75 -9.66
C SER A 50 -8.21 -25.51 -10.54
N SER A 51 -9.40 -24.94 -10.71
CA SER A 51 -9.54 -23.68 -11.42
C SER A 51 -8.81 -22.53 -10.74
N ALA A 52 -8.77 -22.48 -9.42
CA ALA A 52 -7.98 -21.46 -8.74
C ALA A 52 -6.48 -21.60 -9.01
N VAL A 53 -5.96 -22.83 -8.96
CA VAL A 53 -4.55 -23.04 -9.27
C VAL A 53 -4.25 -22.68 -10.71
N MET A 54 -5.14 -23.07 -11.64
CA MET A 54 -4.96 -22.69 -13.03
C MET A 54 -5.02 -21.19 -13.24
N ALA A 55 -5.90 -20.48 -12.53
CA ALA A 55 -5.95 -19.02 -12.63
C ALA A 55 -4.65 -18.40 -12.13
N LEU A 56 -4.15 -18.89 -10.99
CA LEU A 56 -2.86 -18.41 -10.50
C LEU A 56 -1.76 -18.62 -11.53
N GLN A 57 -1.72 -19.79 -12.17
CA GLN A 57 -0.67 -20.07 -13.13
C GLN A 57 -0.82 -19.19 -14.37
N GLU A 58 -2.03 -19.07 -14.90
CA GLU A 58 -2.25 -18.17 -16.04
C GLU A 58 -1.79 -16.76 -15.72
N ALA A 59 -2.02 -16.29 -14.50
CA ALA A 59 -1.47 -14.99 -14.09
C ALA A 59 0.05 -14.99 -14.08
N CYS A 60 0.68 -16.06 -13.56
CA CYS A 60 2.13 -16.07 -13.42
C CYS A 60 2.89 -16.10 -14.75
N GLU A 61 2.51 -16.97 -15.70
CA GLU A 61 3.22 -16.88 -16.98
C GLU A 61 2.99 -15.55 -17.68
N ALA A 62 1.79 -14.98 -17.60
CA ALA A 62 1.58 -13.68 -18.22
C ALA A 62 2.48 -12.62 -17.59
N TYR A 63 2.58 -12.59 -16.26
CA TYR A 63 3.44 -11.63 -15.58
C TYR A 63 4.89 -11.84 -15.97
N LEU A 64 5.36 -13.09 -16.00
CA LEU A 64 6.75 -13.35 -16.31
C LEU A 64 7.08 -13.04 -17.76
N VAL A 65 6.17 -13.32 -18.69
CA VAL A 65 6.40 -12.98 -20.09
C VAL A 65 6.48 -11.48 -20.28
N GLY A 66 5.58 -10.73 -19.63
CA GLY A 66 5.68 -9.28 -19.69
C GLY A 66 6.98 -8.75 -19.11
N LEU A 67 7.41 -9.31 -17.97
CA LEU A 67 8.66 -8.89 -17.36
C LEU A 67 9.85 -9.19 -18.26
N PHE A 68 9.85 -10.34 -18.93
CA PHE A 68 10.92 -10.65 -19.86
C PHE A 68 10.89 -9.78 -21.10
N GLU A 69 9.71 -9.37 -21.58
CA GLU A 69 9.65 -8.40 -22.67
C GLU A 69 10.25 -7.07 -22.26
N ASP A 70 10.03 -6.64 -21.03
CA ASP A 70 10.67 -5.40 -20.57
C ASP A 70 12.18 -5.59 -20.37
N THR A 71 12.59 -6.74 -19.85
CA THR A 71 14.00 -7.08 -19.66
C THR A 71 14.78 -7.11 -20.96
N ASN A 72 14.18 -7.66 -22.02
CA ASN A 72 14.84 -7.66 -23.33
C ASN A 72 15.06 -6.24 -23.84
N LEU A 73 14.08 -5.36 -23.64
CA LEU A 73 14.27 -3.96 -24.00
C LEU A 73 15.39 -3.30 -23.20
N CYS A 74 15.46 -3.57 -21.90
CA CYS A 74 16.58 -3.05 -21.12
C CYS A 74 17.92 -3.55 -21.62
N ALA A 75 18.02 -4.85 -21.92
CA ALA A 75 19.26 -5.43 -22.42
C ALA A 75 19.66 -4.83 -23.76
N ILE A 76 18.70 -4.66 -24.68
CA ILE A 76 19.00 -4.03 -25.95
C ILE A 76 19.41 -2.58 -25.76
N HIS A 77 18.79 -1.89 -24.80
CA HIS A 77 19.18 -0.52 -24.49
C HIS A 77 20.62 -0.45 -24.00
N ALA A 78 21.06 -1.45 -23.24
CA ALA A 78 22.45 -1.53 -22.80
C ALA A 78 23.39 -2.04 -23.88
N LYS A 79 22.91 -2.16 -25.12
CA LYS A 79 23.72 -2.53 -26.28
C LYS A 79 24.32 -3.93 -26.13
N ARG A 80 23.44 -4.90 -25.87
CA ARG A 80 23.82 -6.31 -25.83
C ARG A 80 22.57 -7.16 -26.03
N VAL A 81 22.80 -8.43 -26.32
CA VAL A 81 21.69 -9.36 -26.61
C VAL A 81 21.42 -10.33 -25.47
N THR A 82 22.29 -10.41 -24.47
CA THR A 82 22.11 -11.32 -23.35
C THR A 82 21.43 -10.58 -22.21
N ILE A 83 20.32 -11.11 -21.73
CA ILE A 83 19.64 -10.52 -20.58
C ILE A 83 20.36 -10.93 -19.31
N MET A 84 20.54 -9.98 -18.40
CA MET A 84 21.29 -10.17 -17.18
C MET A 84 20.44 -9.78 -15.98
N PRO A 85 20.80 -10.23 -14.78
CA PRO A 85 19.97 -9.91 -13.60
C PRO A 85 19.81 -8.43 -13.33
N LYS A 86 20.73 -7.58 -13.78
CA LYS A 86 20.55 -6.14 -13.63
C LYS A 86 19.44 -5.59 -14.53
N ASP A 87 19.20 -6.21 -15.68
CA ASP A 87 18.10 -5.79 -16.54
C ASP A 87 16.74 -6.04 -15.89
N ILE A 88 16.57 -7.18 -15.22
CA ILE A 88 15.33 -7.43 -14.51
C ILE A 88 15.13 -6.40 -13.40
N GLN A 89 16.20 -6.07 -12.68
CA GLN A 89 16.10 -5.06 -11.63
C GLN A 89 15.71 -3.70 -12.19
N LEU A 90 16.33 -3.29 -13.31
CA LEU A 90 15.93 -2.02 -13.92
C LEU A 90 14.48 -2.04 -14.37
N ALA A 91 14.04 -3.13 -15.01
CA ALA A 91 12.66 -3.21 -15.47
C ALA A 91 11.68 -3.17 -14.31
N ARG A 92 11.96 -3.89 -13.22
CA ARG A 92 11.07 -3.91 -12.07
C ARG A 92 11.10 -2.61 -11.28
N ARG A 93 12.21 -1.88 -11.29
CA ARG A 93 12.29 -0.58 -10.63
C ARG A 93 11.60 0.52 -11.42
N ILE A 94 11.68 0.50 -12.75
CA ILE A 94 11.01 1.54 -13.53
C ILE A 94 9.49 1.38 -13.45
N ARG A 95 9.00 0.14 -13.44
CA ARG A 95 7.56 -0.08 -13.32
C ARG A 95 7.03 0.26 -11.94
N GLY A 96 7.88 0.28 -10.91
CA GLY A 96 7.44 0.66 -9.58
C GLY A 96 7.21 -0.53 -8.67
N GLU A 97 7.96 -1.60 -8.88
CA GLU A 97 7.85 -2.79 -8.05
C GLU A 97 9.03 -2.98 -7.10
N ARG A 98 10.14 -2.28 -7.33
CA ARG A 98 11.33 -2.45 -6.51
C ARG A 98 11.88 -1.11 -6.05
N LEU B 1 5.34 -29.23 2.73
CA LEU B 1 6.01 -28.93 1.46
C LEU B 1 7.19 -28.00 1.68
N ARG B 2 8.29 -28.28 0.99
CA ARG B 2 9.51 -27.49 1.16
C ARG B 2 10.36 -27.61 -0.10
N ASP B 3 11.05 -26.51 -0.43
CA ASP B 3 11.96 -26.43 -1.57
C ASP B 3 11.25 -26.79 -2.88
N ASN B 4 10.07 -26.21 -3.06
CA ASN B 4 9.30 -26.40 -4.28
C ASN B 4 9.54 -25.28 -5.29
N ILE B 5 10.35 -24.28 -4.95
CA ILE B 5 10.68 -23.24 -5.92
C ILE B 5 11.63 -23.74 -7.00
N GLN B 6 12.34 -24.83 -6.73
CA GLN B 6 13.21 -25.45 -7.73
C GLN B 6 12.44 -26.28 -8.74
N GLY B 7 11.14 -26.48 -8.53
CA GLY B 7 10.30 -27.06 -9.56
C GLY B 7 10.05 -26.14 -10.72
N ILE B 8 10.31 -24.84 -10.54
CA ILE B 8 10.30 -23.88 -11.65
C ILE B 8 11.66 -24.00 -12.32
N THR B 9 11.75 -24.85 -13.33
CA THR B 9 13.04 -25.32 -13.78
C THR B 9 13.70 -24.36 -14.77
N LYS B 10 14.98 -24.62 -15.02
CA LYS B 10 15.73 -23.88 -16.04
C LYS B 10 15.08 -23.93 -17.41
N PRO B 11 14.68 -25.09 -17.96
CA PRO B 11 13.97 -25.07 -19.25
C PRO B 11 12.64 -24.36 -19.23
N ALA B 12 11.89 -24.41 -18.12
CA ALA B 12 10.64 -23.66 -18.05
C ALA B 12 10.89 -22.16 -18.09
N ILE B 13 11.89 -21.69 -17.36
CA ILE B 13 12.25 -20.27 -17.41
C ILE B 13 12.74 -19.89 -18.79
N ARG B 14 13.50 -20.78 -19.44
CA ARG B 14 13.97 -20.50 -20.80
C ARG B 14 12.81 -20.38 -21.77
N ARG B 15 11.80 -21.26 -21.66
CA ARG B 15 10.63 -21.15 -22.52
C ARG B 15 9.85 -19.88 -22.26
N LEU B 16 9.71 -19.50 -20.99
CA LEU B 16 9.06 -18.23 -20.66
C LEU B 16 9.81 -17.05 -21.25
N ALA B 17 11.13 -17.06 -21.20
CA ALA B 17 11.92 -15.99 -21.79
C ALA B 17 11.82 -15.99 -23.31
N ARG B 18 11.80 -17.17 -23.94
CA ARG B 18 11.64 -17.27 -25.38
C ARG B 18 10.30 -16.74 -25.86
N ARG B 19 9.22 -17.00 -25.13
CA ARG B 19 7.95 -16.37 -25.47
C ARG B 19 8.02 -14.86 -25.33
N GLY B 20 8.90 -14.33 -24.49
CA GLY B 20 9.07 -12.91 -24.35
C GLY B 20 10.05 -12.34 -25.37
N GLY B 21 10.49 -13.17 -26.30
CA GLY B 21 11.38 -12.71 -27.36
C GLY B 21 12.83 -12.54 -26.95
N VAL B 22 13.31 -13.31 -25.98
CA VAL B 22 14.68 -13.20 -25.51
C VAL B 22 15.54 -14.18 -26.29
N LYS B 23 16.62 -13.67 -26.90
CA LYS B 23 17.48 -14.49 -27.74
C LYS B 23 18.51 -15.28 -26.94
N ARG B 24 19.24 -14.60 -26.06
CA ARG B 24 20.29 -15.25 -25.28
C ARG B 24 20.14 -14.88 -23.82
N ILE B 25 20.44 -15.83 -22.93
CA ILE B 25 20.07 -15.77 -21.53
C ILE B 25 21.29 -16.01 -20.66
N SER B 26 21.52 -15.13 -19.69
CA SER B 26 22.61 -15.31 -18.74
C SER B 26 22.28 -16.40 -17.73
N GLY B 27 23.32 -16.99 -17.15
CA GLY B 27 23.13 -18.09 -16.22
C GLY B 27 22.65 -17.67 -14.84
N LEU B 28 22.81 -16.40 -14.50
CA LEU B 28 22.39 -15.88 -13.20
C LEU B 28 20.96 -15.40 -13.19
N ILE B 29 20.23 -15.54 -14.31
CA ILE B 29 18.89 -15.00 -14.40
C ILE B 29 17.86 -15.92 -13.76
N TYR B 30 18.18 -17.21 -13.64
CA TYR B 30 17.20 -18.21 -13.19
C TYR B 30 16.83 -18.01 -11.73
N GLU B 31 17.83 -17.82 -10.85
CA GLU B 31 17.53 -17.63 -9.44
C GLU B 31 16.73 -16.36 -9.20
N GLU B 32 17.04 -15.29 -9.94
CA GLU B 32 16.25 -14.08 -9.80
C GLU B 32 14.83 -14.27 -10.33
N THR B 33 14.66 -15.08 -11.38
CA THR B 33 13.30 -15.40 -11.82
C THR B 33 12.53 -16.15 -10.75
N ARG B 34 13.17 -17.11 -10.08
CA ARG B 34 12.54 -17.75 -8.92
C ARG B 34 12.14 -16.71 -7.87
N GLY B 35 13.03 -15.78 -7.56
CA GLY B 35 12.72 -14.77 -6.57
C GLY B 35 11.54 -13.89 -6.93
N VAL B 36 11.52 -13.42 -8.18
CA VAL B 36 10.44 -12.57 -8.65
C VAL B 36 9.11 -13.32 -8.65
N LEU B 37 9.12 -14.57 -9.13
CA LEU B 37 7.90 -15.36 -9.13
C LEU B 37 7.40 -15.61 -7.71
N LYS B 38 8.31 -15.89 -6.78
CA LYS B 38 7.92 -16.10 -5.40
C LYS B 38 7.31 -14.83 -4.79
N VAL B 39 7.89 -13.67 -5.06
CA VAL B 39 7.32 -12.42 -4.54
C VAL B 39 5.92 -12.19 -5.12
N PHE B 40 5.77 -12.37 -6.43
CA PHE B 40 4.46 -12.16 -7.06
C PHE B 40 3.42 -13.11 -6.50
N LEU B 41 3.77 -14.39 -6.35
CA LEU B 41 2.83 -15.37 -5.81
C LEU B 41 2.48 -15.09 -4.36
N GLU B 42 3.47 -14.70 -3.53
CA GLU B 42 3.17 -14.32 -2.17
C GLU B 42 2.26 -13.11 -2.08
N ASN B 43 2.40 -12.15 -3.00
CA ASN B 43 1.47 -11.02 -3.04
C ASN B 43 0.06 -11.40 -3.45
N VAL B 44 -0.11 -12.28 -4.45
CA VAL B 44 -1.45 -12.62 -4.89
C VAL B 44 -2.13 -13.56 -3.90
N ILE B 45 -1.43 -14.58 -3.42
CA ILE B 45 -2.03 -15.58 -2.54
C ILE B 45 -2.42 -14.97 -1.20
N ARG B 46 -1.68 -13.97 -0.73
CA ARG B 46 -2.04 -13.34 0.53
C ARG B 46 -3.42 -12.69 0.45
N ASP B 47 -3.73 -12.03 -0.65
CA ASP B 47 -5.06 -11.45 -0.84
C ASP B 47 -6.11 -12.53 -1.11
N ALA B 48 -5.75 -13.57 -1.86
CA ALA B 48 -6.71 -14.65 -2.12
C ALA B 48 -7.13 -15.33 -0.82
N VAL B 49 -6.18 -15.61 0.07
CA VAL B 49 -6.49 -16.23 1.34
C VAL B 49 -7.29 -15.28 2.23
N THR B 50 -7.01 -13.98 2.17
CA THR B 50 -7.81 -13.02 2.91
C THR B 50 -9.26 -13.05 2.46
N TYR B 51 -9.50 -13.03 1.15
CA TYR B 51 -10.86 -13.17 0.63
C TYR B 51 -11.49 -14.49 1.04
N THR B 52 -10.72 -15.58 1.02
CA THR B 52 -11.26 -16.88 1.39
C THR B 52 -11.68 -16.93 2.85
N GLU B 53 -10.83 -16.44 3.75
CA GLU B 53 -11.13 -16.52 5.18
C GLU B 53 -12.12 -15.45 5.63
N HIS B 54 -12.32 -14.38 4.85
CA HIS B 54 -13.41 -13.47 5.16
C HIS B 54 -14.77 -14.13 4.92
N ALA B 55 -14.86 -15.00 3.92
CA ALA B 55 -16.08 -15.74 3.63
C ALA B 55 -16.25 -16.94 4.55
N LYS B 56 -15.27 -17.23 5.39
CA LYS B 56 -15.33 -18.32 6.37
C LYS B 56 -15.51 -19.67 5.69
N ARG B 57 -14.63 -19.94 4.72
CA ARG B 57 -14.56 -21.25 4.10
C ARG B 57 -13.11 -21.67 3.99
N LYS B 58 -12.89 -22.97 3.93
CA LYS B 58 -11.55 -23.55 3.94
C LYS B 58 -10.98 -23.76 2.54
N THR B 59 -11.75 -23.46 1.49
CA THR B 59 -11.35 -23.74 0.12
C THR B 59 -11.14 -22.42 -0.62
N VAL B 60 -9.97 -22.27 -1.24
CA VAL B 60 -9.68 -21.09 -2.05
C VAL B 60 -10.27 -21.31 -3.43
N THR B 61 -11.22 -20.46 -3.82
CA THR B 61 -11.89 -20.62 -5.10
C THR B 61 -11.22 -19.77 -6.17
N ALA B 62 -11.61 -19.99 -7.42
CA ALA B 62 -11.08 -19.21 -8.51
C ALA B 62 -11.50 -17.76 -8.43
N MET B 63 -12.69 -17.49 -7.88
CA MET B 63 -13.13 -16.11 -7.73
C MET B 63 -12.26 -15.33 -6.76
N ASP B 64 -11.75 -16.00 -5.71
CA ASP B 64 -10.82 -15.33 -4.81
C ASP B 64 -9.55 -14.90 -5.53
N VAL B 65 -9.00 -15.77 -6.37
CA VAL B 65 -7.81 -15.43 -7.14
C VAL B 65 -8.12 -14.31 -8.13
N VAL B 66 -9.28 -14.36 -8.76
CA VAL B 66 -9.66 -13.32 -9.72
C VAL B 66 -9.80 -11.98 -9.01
N TYR B 67 -10.43 -11.96 -7.83
CA TYR B 67 -10.54 -10.71 -7.09
C TYR B 67 -9.18 -10.20 -6.64
N ALA B 68 -8.30 -11.10 -6.18
CA ALA B 68 -6.97 -10.68 -5.76
C ALA B 68 -6.16 -10.11 -6.91
N LEU B 69 -6.32 -10.66 -8.12
CA LEU B 69 -5.64 -10.11 -9.28
C LEU B 69 -6.26 -8.81 -9.75
N LYS B 70 -7.59 -8.71 -9.73
CA LYS B 70 -8.27 -7.48 -10.10
C LYS B 70 -7.91 -6.35 -9.16
N ARG B 71 -7.65 -6.66 -7.89
CA ARG B 71 -7.24 -5.65 -6.92
C ARG B 71 -5.84 -5.10 -7.19
N GLN B 72 -4.99 -5.86 -7.89
CA GLN B 72 -3.63 -5.44 -8.19
C GLN B 72 -3.52 -4.81 -9.58
N GLY B 73 -4.64 -4.58 -10.24
CA GLY B 73 -4.62 -3.94 -11.56
C GLY B 73 -4.19 -4.85 -12.69
N ARG B 74 -4.44 -6.15 -12.55
CA ARG B 74 -4.06 -7.13 -13.57
C ARG B 74 -5.22 -8.10 -13.82
N THR B 75 -6.41 -7.52 -14.05
CA THR B 75 -7.62 -8.25 -14.37
C THR B 75 -7.37 -9.43 -15.31
N LEU B 76 -7.99 -10.56 -15.00
CA LEU B 76 -7.82 -11.79 -15.76
C LEU B 76 -9.18 -12.26 -16.27
N TYR B 77 -9.25 -12.54 -17.57
CA TYR B 77 -10.49 -12.98 -18.21
C TYR B 77 -10.48 -14.49 -18.40
N GLY B 78 -11.65 -15.11 -18.28
CA GLY B 78 -11.79 -16.51 -18.62
C GLY B 78 -12.01 -17.43 -17.43
N PHE B 79 -12.16 -16.87 -16.24
CA PHE B 79 -12.38 -17.68 -15.04
C PHE B 79 -13.60 -17.24 -14.23
N GLY B 80 -14.44 -16.37 -14.76
CA GLY B 80 -15.61 -15.91 -14.04
C GLY B 80 -15.53 -14.45 -13.64
N ALA C 1 -33.94 15.92 29.59
CA ALA C 1 -34.42 15.24 30.79
C ALA C 1 -34.26 13.73 30.66
N ARG C 2 -33.57 13.30 29.60
CA ARG C 2 -33.36 11.86 29.36
C ARG C 2 -32.04 11.42 29.98
N ALA C 3 -30.93 12.00 29.52
CA ALA C 3 -29.59 11.73 30.01
C ALA C 3 -28.65 12.68 29.28
N LYS C 4 -27.50 12.95 29.90
CA LYS C 4 -26.51 13.81 29.28
C LYS C 4 -25.84 13.07 28.12
N ALA C 5 -25.73 13.76 26.99
CA ALA C 5 -25.25 13.11 25.77
C ALA C 5 -23.76 12.85 25.85
N LYS C 6 -23.37 11.58 25.67
CA LYS C 6 -21.98 11.20 25.55
C LYS C 6 -21.68 10.83 24.11
N THR C 7 -20.59 11.40 23.57
CA THR C 7 -20.22 11.10 22.20
C THR C 7 -19.71 9.67 22.08
N ARG C 8 -20.03 9.04 20.94
CA ARG C 8 -19.55 7.69 20.67
C ARG C 8 -18.03 7.64 20.56
N SER C 9 -17.39 8.75 20.19
CA SER C 9 -15.94 8.81 20.18
C SER C 9 -15.34 8.80 21.57
N SER C 10 -15.91 9.54 22.51
CA SER C 10 -15.48 9.50 23.90
C SER C 10 -15.81 8.17 24.57
N ARG C 11 -16.93 7.55 24.20
CA ARG C 11 -17.25 6.23 24.74
C ARG C 11 -16.25 5.18 24.27
N ALA C 12 -15.73 5.32 23.04
CA ALA C 12 -14.73 4.41 22.51
C ALA C 12 -13.30 4.87 22.75
N GLY C 13 -13.10 5.99 23.43
CA GLY C 13 -11.77 6.49 23.71
C GLY C 13 -11.01 6.94 22.48
N LEU C 14 -11.69 7.65 21.58
CA LEU C 14 -11.11 8.12 20.34
C LEU C 14 -11.20 9.63 20.25
N GLN C 15 -10.35 10.21 19.41
CA GLN C 15 -10.40 11.63 19.08
C GLN C 15 -11.12 11.91 17.77
N PHE C 16 -11.06 10.99 16.81
CA PHE C 16 -11.79 11.14 15.57
C PHE C 16 -13.28 10.89 15.79
N PRO C 17 -14.14 11.57 15.02
CA PRO C 17 -15.58 11.46 15.27
C PRO C 17 -16.15 10.15 14.75
N VAL C 18 -16.89 9.46 15.62
CA VAL C 18 -17.58 8.24 15.21
C VAL C 18 -18.89 8.56 14.52
N GLY C 19 -19.62 9.58 15.01
CA GLY C 19 -20.87 9.95 14.39
C GLY C 19 -20.72 10.48 12.97
N ARG C 20 -19.70 11.32 12.75
CA ARG C 20 -19.47 11.83 11.40
C ARG C 20 -19.07 10.71 10.44
N VAL C 21 -18.24 9.77 10.90
CA VAL C 21 -17.88 8.64 10.05
C VAL C 21 -19.09 7.78 9.75
N HIS C 22 -19.96 7.57 10.74
CA HIS C 22 -21.19 6.81 10.50
C HIS C 22 -22.08 7.50 9.48
N ARG C 23 -22.21 8.83 9.60
CA ARG C 23 -23.01 9.58 8.62
C ARG C 23 -22.42 9.47 7.22
N LEU C 24 -21.10 9.60 7.10
CA LEU C 24 -20.46 9.51 5.79
C LEU C 24 -20.58 8.11 5.20
N LEU C 25 -20.55 7.07 6.04
CA LEU C 25 -20.80 5.72 5.57
C LEU C 25 -22.23 5.56 5.08
N ARG C 26 -23.19 6.13 5.80
CA ARG C 26 -24.59 6.01 5.43
C ARG C 26 -24.96 6.81 4.19
N LYS C 27 -24.26 7.90 3.91
CA LYS C 27 -24.58 8.76 2.76
C LYS C 27 -23.69 8.49 1.56
N GLY C 28 -22.82 7.47 1.62
CA GLY C 28 -21.87 7.20 0.57
C GLY C 28 -22.28 6.17 -0.45
N ASN C 29 -23.45 5.56 -0.30
CA ASN C 29 -23.92 4.50 -1.20
C ASN C 29 -22.91 3.36 -1.28
N TYR C 30 -22.45 2.93 -0.11
CA TYR C 30 -21.55 1.79 0.01
C TYR C 30 -22.27 0.49 0.29
N SER C 31 -23.34 0.54 1.09
CA SER C 31 -24.15 -0.64 1.38
C SER C 31 -25.53 -0.17 1.81
N GLU C 32 -26.49 -1.09 1.78
CA GLU C 32 -27.84 -0.76 2.22
C GLU C 32 -27.90 -0.47 3.71
N ARG C 33 -27.13 -1.21 4.52
CA ARG C 33 -27.17 -1.05 5.96
C ARG C 33 -25.74 -0.94 6.47
N VAL C 34 -25.58 -0.23 7.59
CA VAL C 34 -24.28 0.00 8.20
C VAL C 34 -24.33 -0.49 9.65
N GLY C 35 -23.37 -1.33 10.03
CA GLY C 35 -23.36 -1.86 11.37
C GLY C 35 -22.96 -0.82 12.41
N ALA C 36 -23.16 -1.19 13.68
CA ALA C 36 -22.87 -0.27 14.77
C ALA C 36 -21.38 -0.08 14.99
N GLY C 37 -20.58 -1.15 14.89
CA GLY C 37 -19.15 -1.07 15.14
C GLY C 37 -18.31 -0.63 13.96
N ALA C 38 -18.90 -0.53 12.77
CA ALA C 38 -18.15 -0.15 11.59
C ALA C 38 -17.58 1.27 11.70
N PRO C 39 -18.36 2.30 12.05
CA PRO C 39 -17.76 3.62 12.24
C PRO C 39 -16.75 3.67 13.36
N VAL C 40 -16.96 2.94 14.45
CA VAL C 40 -16.00 2.93 15.55
C VAL C 40 -14.67 2.36 15.09
N TYR C 41 -14.70 1.26 14.35
CA TYR C 41 -13.48 0.65 13.85
C TYR C 41 -12.77 1.55 12.84
N LEU C 42 -13.54 2.12 11.90
CA LEU C 42 -12.95 2.95 10.86
C LEU C 42 -12.33 4.24 11.43
N ALA C 43 -13.01 4.87 12.40
CA ALA C 43 -12.43 6.06 13.03
C ALA C 43 -11.14 5.74 13.77
N ALA C 44 -11.07 4.59 14.44
CA ALA C 44 -9.84 4.19 15.10
C ALA C 44 -8.71 3.97 14.10
N VAL C 45 -8.99 3.32 12.98
CA VAL C 45 -7.95 3.11 11.97
C VAL C 45 -7.47 4.45 11.42
N LEU C 46 -8.40 5.36 11.11
CA LEU C 46 -8.02 6.67 10.60
C LEU C 46 -7.19 7.44 11.62
N GLU C 47 -7.57 7.39 12.89
CA GLU C 47 -6.79 8.05 13.94
C GLU C 47 -5.39 7.46 14.05
N TYR C 48 -5.26 6.13 13.97
CA TYR C 48 -3.93 5.53 14.03
C TYR C 48 -3.05 5.99 12.88
N LEU C 49 -3.60 5.99 11.65
CA LEU C 49 -2.80 6.41 10.51
C LEU C 49 -2.39 7.88 10.61
N THR C 50 -3.32 8.75 11.00
CA THR C 50 -2.97 10.16 11.19
C THR C 50 -1.94 10.34 12.29
N ALA C 51 -2.05 9.58 13.38
CA ALA C 51 -1.05 9.67 14.44
C ALA C 51 0.33 9.26 13.96
N GLU C 52 0.41 8.18 13.16
CA GLU C 52 1.71 7.77 12.62
C GLU C 52 2.32 8.86 11.75
N ILE C 53 1.54 9.38 10.79
CA ILE C 53 2.09 10.39 9.89
C ILE C 53 2.45 11.66 10.65
N LEU C 54 1.61 12.08 11.59
CA LEU C 54 1.93 13.28 12.36
C LEU C 54 3.15 13.10 13.23
N GLU C 55 3.34 11.93 13.84
CA GLU C 55 4.56 11.69 14.61
C GLU C 55 5.79 11.77 13.73
N LEU C 56 5.77 11.09 12.58
CA LEU C 56 6.93 11.13 11.70
C LEU C 56 7.19 12.54 11.14
N ALA C 57 6.12 13.28 10.82
CA ALA C 57 6.28 14.65 10.34
C ALA C 57 6.83 15.56 11.43
N GLY C 58 6.42 15.35 12.69
CA GLY C 58 7.00 16.10 13.78
C GLY C 58 8.47 15.80 14.00
N ASN C 59 8.85 14.52 13.90
CA ASN C 59 10.27 14.17 13.92
C ASN C 59 11.02 14.90 12.82
N ALA C 60 10.50 14.88 11.59
CA ALA C 60 11.16 15.54 10.47
C ALA C 60 11.24 17.05 10.66
N ALA C 61 10.22 17.67 11.24
CA ALA C 61 10.26 19.09 11.52
C ALA C 61 11.27 19.43 12.60
N ARG C 62 11.35 18.62 13.66
CA ARG C 62 12.34 18.89 14.70
C ARG C 62 13.77 18.65 14.21
N ASP C 63 13.96 17.75 13.23
CA ASP C 63 15.28 17.60 12.64
C ASP C 63 15.71 18.83 11.86
N ASN C 64 14.77 19.67 11.44
CA ASN C 64 15.07 20.90 10.71
C ASN C 64 15.00 22.13 11.60
N LYS C 65 14.95 21.96 12.92
CA LYS C 65 14.93 23.06 13.88
C LYS C 65 13.73 23.97 13.65
N LYS C 66 12.57 23.38 13.40
CA LYS C 66 11.33 24.11 13.24
C LYS C 66 10.24 23.48 14.10
N THR C 67 9.30 24.32 14.54
CA THR C 67 8.23 23.88 15.42
C THR C 67 6.88 23.78 14.72
N ARG C 68 6.81 24.11 13.43
CA ARG C 68 5.57 24.05 12.67
C ARG C 68 5.76 23.09 11.49
N ILE C 69 4.81 22.20 11.29
CA ILE C 69 4.90 21.20 10.24
C ILE C 69 4.43 21.82 8.93
N ILE C 70 5.25 21.72 7.89
CA ILE C 70 4.91 22.19 6.56
C ILE C 70 4.83 20.97 5.65
N PRO C 71 4.29 21.09 4.43
CA PRO C 71 4.20 19.91 3.55
C PRO C 71 5.53 19.26 3.24
N ARG C 72 6.65 19.98 3.34
CA ARG C 72 7.95 19.35 3.13
C ARG C 72 8.20 18.26 4.16
N HIS C 73 7.87 18.52 5.43
CA HIS C 73 8.05 17.51 6.46
C HIS C 73 7.12 16.33 6.27
N LEU C 74 5.87 16.59 5.83
CA LEU C 74 4.98 15.47 5.52
C LEU C 74 5.54 14.60 4.41
N GLN C 75 6.05 15.21 3.34
CA GLN C 75 6.63 14.45 2.24
C GLN C 75 7.84 13.65 2.69
N LEU C 76 8.73 14.27 3.46
CA LEU C 76 9.91 13.57 3.98
C LEU C 76 9.51 12.41 4.88
N ALA C 77 8.55 12.62 5.78
CA ALA C 77 8.10 11.55 6.67
C ALA C 77 7.48 10.40 5.89
N ILE C 78 6.67 10.71 4.89
CA ILE C 78 5.99 9.65 4.13
C ILE C 78 6.99 8.87 3.29
N ARG C 79 7.91 9.55 2.60
CA ARG C 79 8.83 8.86 1.72
C ARG C 79 10.02 8.24 2.43
N ASN C 80 10.25 8.59 3.70
CA ASN C 80 11.32 7.95 4.46
C ASN C 80 10.86 6.68 5.16
N ASP C 81 9.57 6.56 5.45
CA ASP C 81 9.04 5.35 6.07
C ASP C 81 8.67 4.32 5.01
N GLU C 82 9.16 3.10 5.17
CA GLU C 82 8.99 2.06 4.17
C GLU C 82 7.53 1.66 3.98
N GLU C 83 6.78 1.55 5.06
CA GLU C 83 5.39 1.16 4.99
C GLU C 83 4.53 2.26 4.36
N LEU C 84 4.63 3.47 4.88
CA LEU C 84 3.85 4.59 4.37
C LEU C 84 4.23 4.94 2.94
N ASN C 85 5.48 4.73 2.54
CA ASN C 85 5.88 4.99 1.17
C ASN C 85 5.15 4.08 0.19
N LYS C 86 4.92 2.82 0.57
CA LYS C 86 4.14 1.92 -0.26
C LYS C 86 2.64 2.15 -0.14
N LEU C 87 2.17 2.60 1.03
CA LEU C 87 0.77 2.97 1.16
C LEU C 87 0.40 4.15 0.28
N LEU C 88 1.29 5.15 0.19
CA LEU C 88 1.06 6.37 -0.58
C LEU C 88 2.04 6.50 -1.73
N GLY C 89 2.27 5.40 -2.46
CA GLY C 89 3.24 5.40 -3.53
C GLY C 89 2.81 6.12 -4.78
N ARG C 90 1.50 6.26 -5.00
CA ARG C 90 0.97 6.96 -6.17
C ARG C 90 0.36 8.31 -5.81
N VAL C 91 0.86 8.95 -4.75
CA VAL C 91 0.30 10.18 -4.22
C VAL C 91 1.29 11.30 -4.44
N THR C 92 0.82 12.41 -5.01
CA THR C 92 1.62 13.62 -5.16
C THR C 92 1.24 14.62 -4.08
N ILE C 93 2.23 15.07 -3.32
CA ILE C 93 2.03 16.04 -2.26
C ILE C 93 2.44 17.41 -2.78
N ALA C 94 1.49 18.35 -2.81
CA ALA C 94 1.78 19.67 -3.33
C ALA C 94 2.77 20.39 -2.44
N GLN C 95 3.75 21.06 -3.07
CA GLN C 95 4.80 21.79 -2.37
C GLN C 95 5.58 20.87 -1.43
N GLY C 96 5.80 19.63 -1.86
CA GLY C 96 6.48 18.65 -1.05
C GLY C 96 7.90 18.36 -1.49
N GLY C 97 8.20 18.63 -2.75
CA GLY C 97 9.55 18.38 -3.25
C GLY C 97 9.87 16.90 -3.32
N VAL C 98 11.18 16.62 -3.37
CA VAL C 98 11.67 15.25 -3.44
C VAL C 98 12.68 15.01 -2.32
N LEU C 99 13.24 13.81 -2.26
CA LEU C 99 14.26 13.52 -1.26
C LEU C 99 15.64 13.65 -1.86
N PRO C 100 16.61 14.20 -1.13
CA PRO C 100 17.95 14.34 -1.70
C PRO C 100 18.69 13.01 -1.80
N ASN C 101 18.87 12.51 -3.03
CA ASN C 101 19.66 11.32 -3.27
C ASN C 101 20.34 11.45 -4.63
N ILE C 102 21.67 11.39 -4.63
CA ILE C 102 22.46 11.45 -5.86
C ILE C 102 23.08 10.09 -6.09
N GLN C 103 22.94 9.58 -7.30
CA GLN C 103 23.49 8.27 -7.64
C GLN C 103 25.01 8.28 -7.46
N ALA C 104 25.54 7.19 -6.89
CA ALA C 104 26.95 7.10 -6.56
C ALA C 104 27.86 7.19 -7.79
N VAL C 105 27.34 6.87 -8.98
CA VAL C 105 28.16 6.98 -10.18
C VAL C 105 28.46 8.44 -10.50
N LEU C 106 27.49 9.33 -10.27
CA LEU C 106 27.66 10.74 -10.62
C LEU C 106 28.60 11.47 -9.67
N LEU C 107 28.81 10.95 -8.46
CA LEU C 107 29.70 11.61 -7.51
C LEU C 107 31.14 11.54 -8.01
N PRO C 108 31.92 12.62 -7.83
CA PRO C 108 33.28 12.64 -8.36
C PRO C 108 34.24 11.77 -7.54
N LYS C 109 35.16 11.14 -8.24
CA LYS C 109 36.16 10.28 -7.62
C LYS C 109 37.39 10.15 -8.51
N ARG D 1 -22.93 31.23 2.27
CA ARG D 1 -22.67 31.02 3.69
C ARG D 1 -22.82 29.56 4.07
N SER D 2 -22.53 28.67 3.12
CA SER D 2 -22.60 27.24 3.38
C SER D 2 -21.49 26.80 4.32
N ARG D 3 -21.76 25.75 5.08
CA ARG D 3 -20.80 25.23 6.06
C ARG D 3 -20.16 23.98 5.48
N LYS D 4 -18.83 23.96 5.45
CA LYS D 4 -18.06 22.84 4.92
C LYS D 4 -17.35 22.13 6.07
N GLU D 5 -17.32 20.80 6.00
CA GLU D 5 -16.75 19.99 7.06
C GLU D 5 -15.36 19.48 6.68
N SER D 6 -14.51 19.36 7.70
CA SER D 6 -13.16 18.85 7.52
C SER D 6 -12.72 18.17 8.80
N TYR D 7 -11.49 17.66 8.81
CA TYR D 7 -10.94 16.94 9.95
C TYR D 7 -9.91 17.78 10.70
N SER D 8 -9.97 19.10 10.58
CA SER D 8 -8.96 19.96 11.18
C SER D 8 -8.91 19.85 12.69
N VAL D 9 -10.06 19.85 13.36
CA VAL D 9 -10.08 19.79 14.82
C VAL D 9 -9.47 18.48 15.31
N TYR D 10 -9.83 17.37 14.68
CA TYR D 10 -9.35 16.06 15.11
C TYR D 10 -7.87 15.87 14.80
N VAL D 11 -7.42 16.33 13.63
CA VAL D 11 -5.99 16.27 13.31
C VAL D 11 -5.20 17.12 14.29
N TYR D 12 -5.73 18.28 14.66
CA TYR D 12 -5.04 19.13 15.63
C TYR D 12 -5.01 18.52 17.02
N LYS D 13 -6.07 17.81 17.42
CA LYS D 13 -6.05 17.10 18.69
C LYS D 13 -5.01 15.98 18.69
N VAL D 14 -4.96 15.20 17.61
CA VAL D 14 -3.97 14.12 17.52
C VAL D 14 -2.57 14.69 17.51
N LEU D 15 -2.36 15.81 16.82
CA LEU D 15 -1.04 16.43 16.78
C LEU D 15 -0.58 16.88 18.16
N LYS D 16 -1.46 17.50 18.94
CA LYS D 16 -1.09 17.93 20.28
C LYS D 16 -1.03 16.77 21.27
N GLN D 17 -1.64 15.64 20.94
CA GLN D 17 -1.45 14.43 21.72
C GLN D 17 -0.11 13.74 21.43
N VAL D 18 0.38 13.81 20.20
CA VAL D 18 1.63 13.16 19.80
C VAL D 18 2.83 14.06 20.08
N HIS D 19 2.85 15.26 19.51
CA HIS D 19 3.89 16.25 19.76
C HIS D 19 3.22 17.45 20.41
N PRO D 20 3.23 17.53 21.74
CA PRO D 20 2.48 18.60 22.43
C PRO D 20 2.99 19.99 22.15
N ASP D 21 4.23 20.15 21.72
CA ASP D 21 4.82 21.47 21.47
C ASP D 21 5.17 21.66 20.00
N THR D 22 4.30 21.20 19.11
CA THR D 22 4.49 21.34 17.68
C THR D 22 3.22 21.85 17.04
N GLY D 23 3.37 22.86 16.17
CA GLY D 23 2.28 23.38 15.39
C GLY D 23 2.21 22.75 14.01
N ILE D 24 1.37 23.35 13.16
CA ILE D 24 1.17 22.85 11.82
C ILE D 24 0.70 24.00 10.94
N SER D 25 1.20 24.02 9.70
CA SER D 25 0.85 25.05 8.73
C SER D 25 -0.57 24.83 8.22
N SER D 26 -1.13 25.84 7.57
CA SER D 26 -2.46 25.72 7.00
C SER D 26 -2.47 24.82 5.78
N LYS D 27 -1.39 24.84 5.00
CA LYS D 27 -1.32 23.99 3.81
C LYS D 27 -1.08 22.53 4.17
N ALA D 28 -0.40 22.28 5.29
CA ALA D 28 -0.24 20.90 5.76
C ALA D 28 -1.54 20.32 6.28
N MET D 29 -2.40 21.14 6.89
CA MET D 29 -3.73 20.67 7.27
C MET D 29 -4.57 20.25 6.08
N GLY D 30 -4.51 20.98 4.96
CA GLY D 30 -5.20 20.54 3.78
C GLY D 30 -4.72 19.21 3.26
N ILE D 31 -3.41 18.98 3.31
CA ILE D 31 -2.86 17.69 2.89
C ILE D 31 -3.30 16.59 3.84
N MET D 32 -3.34 16.86 5.14
CA MET D 32 -3.85 15.86 6.07
C MET D 32 -5.32 15.56 5.85
N ASN D 33 -6.14 16.58 5.55
CA ASN D 33 -7.55 16.34 5.23
C ASN D 33 -7.69 15.50 3.97
N SER D 34 -6.91 15.80 2.93
CA SER D 34 -6.93 14.99 1.72
C SER D 34 -6.52 13.56 2.01
N PHE D 35 -5.50 13.35 2.84
CA PHE D 35 -5.09 12.00 3.20
C PHE D 35 -6.20 11.25 3.91
N VAL D 36 -6.85 11.91 4.88
CA VAL D 36 -7.92 11.25 5.63
C VAL D 36 -9.07 10.88 4.70
N ASN D 37 -9.46 11.79 3.82
CA ASN D 37 -10.54 11.49 2.88
C ASN D 37 -10.17 10.36 1.94
N ASP D 38 -8.93 10.34 1.44
CA ASP D 38 -8.51 9.28 0.53
C ASP D 38 -8.51 7.92 1.21
N ILE D 39 -8.00 7.85 2.44
CA ILE D 39 -8.00 6.57 3.14
C ILE D 39 -9.41 6.12 3.49
N PHE D 40 -10.27 7.06 3.90
CA PHE D 40 -11.66 6.74 4.18
C PHE D 40 -12.33 6.15 2.95
N GLU D 41 -12.15 6.79 1.79
CA GLU D 41 -12.73 6.28 0.56
C GLU D 41 -12.17 4.93 0.16
N ARG D 42 -10.86 4.71 0.30
CA ARG D 42 -10.30 3.38 -0.01
C ARG D 42 -10.92 2.30 0.87
N ILE D 43 -10.95 2.52 2.19
CA ILE D 43 -11.44 1.48 3.09
C ILE D 43 -12.93 1.24 2.85
N ALA D 44 -13.72 2.30 2.69
CA ALA D 44 -15.15 2.14 2.46
C ALA D 44 -15.43 1.44 1.14
N GLY D 45 -14.71 1.79 0.08
CA GLY D 45 -14.90 1.12 -1.19
C GLY D 45 -14.52 -0.35 -1.16
N GLU D 46 -13.45 -0.69 -0.44
CA GLU D 46 -13.08 -2.10 -0.33
C GLU D 46 -14.09 -2.87 0.50
N ALA D 47 -14.59 -2.27 1.59
CA ALA D 47 -15.62 -2.93 2.40
C ALA D 47 -16.90 -3.15 1.61
N SER D 48 -17.29 -2.17 0.79
CA SER D 48 -18.47 -2.34 -0.05
C SER D 48 -18.29 -3.49 -1.03
N ARG D 49 -17.12 -3.61 -1.65
CA ARG D 49 -16.84 -4.72 -2.54
C ARG D 49 -16.87 -6.06 -1.83
N LEU D 50 -16.32 -6.13 -0.61
CA LEU D 50 -16.39 -7.37 0.17
C LEU D 50 -17.84 -7.75 0.45
N ALA D 51 -18.64 -6.78 0.90
CA ALA D 51 -20.04 -7.07 1.20
C ALA D 51 -20.80 -7.53 -0.05
N HIS D 52 -20.53 -6.90 -1.19
CA HIS D 52 -21.18 -7.33 -2.43
C HIS D 52 -20.72 -8.72 -2.86
N TYR D 53 -19.43 -9.03 -2.68
CA TYR D 53 -18.94 -10.36 -3.02
C TYR D 53 -19.60 -11.44 -2.17
N ASN D 54 -19.77 -11.18 -0.88
CA ASN D 54 -20.38 -12.16 0.02
C ASN D 54 -21.89 -12.07 0.07
N LYS D 55 -22.51 -11.33 -0.86
CA LYS D 55 -23.97 -11.24 -0.96
C LYS D 55 -24.59 -10.73 0.34
N ARG D 56 -23.92 -9.81 1.00
CA ARG D 56 -24.43 -9.17 2.21
C ARG D 56 -24.88 -7.74 1.89
N SER D 57 -25.73 -7.21 2.77
CA SER D 57 -26.23 -5.86 2.63
C SER D 57 -25.76 -4.94 3.76
N THR D 58 -24.96 -5.45 4.70
CA THR D 58 -24.51 -4.68 5.84
C THR D 58 -22.99 -4.64 5.86
N ILE D 59 -22.43 -3.45 6.09
CA ILE D 59 -21.00 -3.31 6.33
C ILE D 59 -20.80 -3.32 7.84
N THR D 60 -20.23 -4.41 8.35
CA THR D 60 -19.97 -4.56 9.77
C THR D 60 -18.49 -4.27 10.04
N SER D 61 -18.08 -4.49 11.29
CA SER D 61 -16.66 -4.30 11.62
C SER D 61 -15.78 -5.39 11.06
N ARG D 62 -16.35 -6.55 10.71
CA ARG D 62 -15.57 -7.60 10.07
C ARG D 62 -15.16 -7.23 8.66
N GLU D 63 -16.05 -6.58 7.90
CA GLU D 63 -15.70 -6.07 6.58
C GLU D 63 -14.58 -5.04 6.63
N ILE D 64 -14.56 -4.15 7.63
CA ILE D 64 -13.47 -3.21 7.78
C ILE D 64 -12.18 -3.86 8.29
N GLN D 65 -12.27 -4.84 9.20
CA GLN D 65 -11.15 -5.74 9.45
C GLN D 65 -10.51 -6.19 8.13
N THR D 66 -11.31 -6.82 7.27
CA THR D 66 -10.77 -7.40 6.04
C THR D 66 -10.25 -6.32 5.10
N ALA D 67 -10.96 -5.19 4.99
CA ALA D 67 -10.51 -4.12 4.11
C ALA D 67 -9.20 -3.52 4.56
N VAL D 68 -9.03 -3.32 5.87
CA VAL D 68 -7.76 -2.82 6.39
C VAL D 68 -6.65 -3.81 6.13
N ARG D 69 -6.91 -5.11 6.34
CA ARG D 69 -5.90 -6.11 6.06
C ARG D 69 -5.52 -6.13 4.59
N LEU D 70 -6.48 -5.92 3.69
CA LEU D 70 -6.19 -5.91 2.27
C LEU D 70 -5.40 -4.67 1.86
N LEU D 71 -5.75 -3.50 2.41
CA LEU D 71 -5.16 -2.25 1.95
C LEU D 71 -3.84 -1.92 2.63
N LEU D 72 -3.80 -1.92 3.96
CA LEU D 72 -2.58 -1.50 4.63
C LEU D 72 -1.52 -2.59 4.55
N PRO D 73 -0.26 -2.23 4.34
CA PRO D 73 0.79 -3.24 4.19
C PRO D 73 1.50 -3.59 5.49
N GLY D 74 1.84 -4.86 5.61
CA GLY D 74 2.76 -5.31 6.65
C GLY D 74 2.30 -4.98 8.06
N GLU D 75 3.24 -4.45 8.85
CA GLU D 75 2.99 -4.16 10.25
C GLU D 75 2.05 -2.97 10.43
N LEU D 76 1.94 -2.11 9.42
CA LEU D 76 0.98 -1.02 9.46
C LEU D 76 -0.45 -1.52 9.58
N ALA D 77 -0.76 -2.63 8.91
CA ALA D 77 -2.06 -3.28 9.08
C ALA D 77 -2.19 -4.01 10.40
N LYS D 78 -1.11 -4.63 10.89
CA LYS D 78 -1.15 -5.31 12.18
C LYS D 78 -1.48 -4.37 13.32
N HIS D 79 -0.88 -3.18 13.33
CA HIS D 79 -1.22 -2.21 14.37
C HIS D 79 -2.59 -1.58 14.19
N ALA D 80 -3.00 -1.32 12.94
CA ALA D 80 -4.32 -0.76 12.68
C ALA D 80 -5.43 -1.71 13.10
N VAL D 81 -5.29 -3.01 12.84
CA VAL D 81 -6.28 -3.98 13.29
C VAL D 81 -6.38 -3.99 14.80
N SER D 82 -5.24 -3.91 15.50
CA SER D 82 -5.25 -3.86 16.96
C SER D 82 -5.97 -2.61 17.46
N GLU D 83 -5.67 -1.46 16.87
CA GLU D 83 -6.34 -0.23 17.26
C GLU D 83 -7.85 -0.27 17.02
N GLY D 84 -8.29 -0.83 15.90
CA GLY D 84 -9.70 -0.97 15.64
C GLY D 84 -10.40 -1.93 16.60
N THR D 85 -9.76 -3.07 16.86
CA THR D 85 -10.33 -4.05 17.78
C THR D 85 -10.45 -3.49 19.19
N LYS D 86 -9.42 -2.79 19.67
CA LYS D 86 -9.50 -2.19 21.00
C LYS D 86 -10.62 -1.17 21.08
N ALA D 87 -10.77 -0.33 20.05
CA ALA D 87 -11.85 0.66 20.05
C ALA D 87 -13.23 0.00 20.05
N VAL D 88 -13.42 -1.04 19.24
CA VAL D 88 -14.71 -1.72 19.22
C VAL D 88 -14.99 -2.38 20.57
N THR D 89 -13.97 -3.01 21.16
CA THR D 89 -14.16 -3.64 22.47
C THR D 89 -14.54 -2.62 23.54
N CYS D 90 -13.86 -1.49 23.54
CA CYS D 90 -14.16 -0.43 24.49
C CYS D 90 -15.57 0.13 24.28
N TYR D 91 -15.95 0.33 23.02
CA TYR D 91 -17.26 0.86 22.72
C TYR D 91 -18.37 -0.09 23.16
N THR D 92 -18.19 -1.39 22.92
CA THR D 92 -19.18 -2.36 23.34
C THR D 92 -19.21 -2.57 24.85
N SER D 93 -18.07 -2.41 25.53
CA SER D 93 -18.04 -2.54 26.98
C SER D 93 -18.62 -1.33 27.69
N ALA D 94 -18.46 -0.13 27.13
CA ALA D 94 -18.97 1.08 27.76
C ALA D 94 -20.34 1.46 27.20
N PRO E 2 41.45 33.65 -14.60
CA PRO E 2 40.44 33.78 -13.55
C PRO E 2 39.94 32.44 -13.04
N HIS E 3 39.03 32.46 -12.06
CA HIS E 3 38.47 31.24 -11.49
C HIS E 3 37.57 30.55 -12.49
N ARG E 4 37.61 29.23 -12.49
CA ARG E 4 36.82 28.43 -13.42
C ARG E 4 36.57 27.07 -12.82
N TYR E 5 35.30 26.75 -12.59
CA TYR E 5 34.92 25.45 -12.04
C TYR E 5 34.93 24.40 -13.15
N ARG E 6 35.44 23.21 -12.83
CA ARG E 6 35.43 22.15 -13.81
C ARG E 6 34.00 21.68 -14.06
N PRO E 7 33.69 21.25 -15.28
CA PRO E 7 32.32 20.82 -15.60
C PRO E 7 31.90 19.60 -14.80
N GLY E 8 30.81 19.74 -14.03
CA GLY E 8 30.33 18.65 -13.21
C GLY E 8 30.17 19.04 -11.75
N THR E 9 30.79 20.15 -11.35
CA THR E 9 30.68 20.66 -9.99
C THR E 9 29.49 21.60 -9.81
N VAL E 10 29.32 22.56 -10.71
CA VAL E 10 28.14 23.42 -10.66
C VAL E 10 26.88 22.60 -10.87
N ALA E 11 26.95 21.56 -11.72
CA ALA E 11 25.79 20.68 -11.89
C ALA E 11 25.46 19.94 -10.61
N LEU E 12 26.46 19.45 -9.89
CA LEU E 12 26.20 18.78 -8.62
C LEU E 12 25.62 19.74 -7.58
N ARG E 13 26.14 20.96 -7.51
CA ARG E 13 25.55 21.94 -6.61
C ARG E 13 24.12 22.29 -6.99
N GLU E 14 23.81 22.36 -8.28
CA GLU E 14 22.43 22.58 -8.71
C GLU E 14 21.54 21.40 -8.32
N ILE E 15 22.03 20.17 -8.46
CA ILE E 15 21.26 19.01 -8.02
C ILE E 15 20.95 19.11 -6.53
N ARG E 16 21.98 19.44 -5.73
CA ARG E 16 21.77 19.57 -4.28
C ARG E 16 20.80 20.71 -3.96
N ARG E 17 20.90 21.83 -4.68
CA ARG E 17 20.04 22.98 -4.44
C ARG E 17 18.59 22.68 -4.77
N TYR E 18 18.33 22.05 -5.92
CA TYR E 18 16.97 21.84 -6.36
C TYR E 18 16.33 20.58 -5.78
N GLN E 19 17.12 19.69 -5.17
CA GLN E 19 16.55 18.58 -4.41
C GLN E 19 16.26 18.96 -2.97
N LYS E 20 16.60 20.18 -2.55
CA LYS E 20 16.37 20.65 -1.20
C LYS E 20 15.18 21.60 -1.09
N SER E 21 14.83 22.29 -2.17
CA SER E 21 13.73 23.24 -2.18
C SER E 21 12.44 22.56 -2.64
N THR E 22 11.35 23.33 -2.59
CA THR E 22 10.04 22.86 -3.02
C THR E 22 9.36 23.83 -3.97
N GLU E 23 10.07 24.84 -4.48
CA GLU E 23 9.48 25.82 -5.36
C GLU E 23 9.11 25.19 -6.69
N LEU E 24 8.27 25.90 -7.44
CA LEU E 24 7.92 25.50 -8.80
C LEU E 24 9.02 25.94 -9.75
N LEU E 25 9.44 25.02 -10.63
CA LEU E 25 10.59 25.27 -11.49
C LEU E 25 10.22 25.86 -12.84
N ILE E 26 8.94 25.86 -13.19
CA ILE E 26 8.48 26.47 -14.44
C ILE E 26 7.80 27.79 -14.13
N ARG E 27 8.01 28.77 -15.00
CA ARG E 27 7.39 30.08 -14.81
C ARG E 27 5.88 29.98 -14.96
N LYS E 28 5.16 30.84 -14.24
CA LYS E 28 3.72 30.69 -14.10
C LYS E 28 2.98 31.06 -15.38
N LEU E 29 3.28 32.25 -15.94
CA LEU E 29 2.55 32.77 -17.08
C LEU E 29 2.73 31.94 -18.36
N PRO E 30 3.96 31.57 -18.75
CA PRO E 30 4.10 30.70 -19.93
C PRO E 30 3.47 29.34 -19.77
N PHE E 31 3.33 28.84 -18.54
CA PHE E 31 2.58 27.60 -18.31
C PHE E 31 1.08 27.81 -18.42
N GLN E 32 0.57 28.93 -17.90
CA GLN E 32 -0.85 29.23 -18.07
C GLN E 32 -1.21 29.37 -19.53
N ARG E 33 -0.37 30.04 -20.31
CA ARG E 33 -0.62 30.18 -21.73
C ARG E 33 -0.63 28.83 -22.45
N LEU E 34 0.27 27.93 -22.09
CA LEU E 34 0.27 26.59 -22.66
C LEU E 34 -0.99 25.82 -22.30
N VAL E 35 -1.42 25.90 -21.04
CA VAL E 35 -2.64 25.22 -20.61
C VAL E 35 -3.85 25.75 -21.38
N ARG E 36 -3.93 27.08 -21.52
CA ARG E 36 -5.08 27.69 -22.16
C ARG E 36 -5.17 27.39 -23.65
N GLU E 37 -4.06 27.11 -24.33
CA GLU E 37 -4.14 26.69 -25.73
C GLU E 37 -4.30 25.19 -25.87
N ILE E 38 -3.80 24.39 -24.93
CA ILE E 38 -4.11 22.97 -24.96
C ILE E 38 -5.59 22.75 -24.71
N ALA E 39 -6.22 23.63 -23.94
CA ALA E 39 -7.63 23.49 -23.59
C ALA E 39 -8.58 24.14 -24.59
N GLN E 40 -8.08 24.88 -25.58
CA GLN E 40 -8.97 25.58 -26.51
C GLN E 40 -9.37 24.72 -27.70
N ASP E 41 -8.79 23.53 -27.86
CA ASP E 41 -9.24 22.60 -28.89
C ASP E 41 -10.27 21.62 -28.36
N PHE E 42 -10.66 21.75 -27.10
CA PHE E 42 -11.77 20.99 -26.51
C PHE E 42 -13.02 21.85 -26.39
N LYS E 43 -12.91 23.03 -25.79
CA LYS E 43 -13.97 24.03 -25.82
C LYS E 43 -13.36 25.39 -26.08
N THR E 44 -14.12 26.24 -26.75
CA THR E 44 -13.73 27.63 -26.91
C THR E 44 -14.00 28.41 -25.61
N ASP E 45 -13.31 29.54 -25.48
CA ASP E 45 -13.44 30.53 -24.41
C ASP E 45 -13.75 29.93 -23.04
N LEU E 46 -13.01 28.90 -22.65
CA LEU E 46 -13.08 28.38 -21.29
C LEU E 46 -12.41 29.34 -20.31
N ARG E 47 -12.80 29.24 -19.05
CA ARG E 47 -12.17 29.97 -17.97
C ARG E 47 -11.54 28.98 -16.99
N PHE E 48 -10.47 29.42 -16.34
CA PHE E 48 -9.71 28.56 -15.43
C PHE E 48 -9.61 29.22 -14.07
N GLN E 49 -9.76 28.41 -13.03
CA GLN E 49 -9.43 28.89 -11.70
C GLN E 49 -7.91 28.88 -11.50
N SER E 50 -7.43 29.87 -10.75
CA SER E 50 -6.00 29.94 -10.46
C SER E 50 -5.53 28.71 -9.71
N SER E 51 -6.33 28.21 -8.78
CA SER E 51 -6.04 26.96 -8.09
C SER E 51 -6.01 25.77 -9.03
N ALA E 52 -6.90 25.72 -10.03
CA ALA E 52 -6.84 24.68 -11.04
C ALA E 52 -5.55 24.71 -11.84
N VAL E 53 -5.12 25.89 -12.28
CA VAL E 53 -3.86 25.99 -13.02
C VAL E 53 -2.69 25.60 -12.14
N MET E 54 -2.72 26.00 -10.86
CA MET E 54 -1.66 25.61 -9.93
C MET E 54 -1.62 24.11 -9.70
N ALA E 55 -2.77 23.45 -9.57
CA ALA E 55 -2.79 22.00 -9.45
C ALA E 55 -2.24 21.32 -10.69
N LEU E 56 -2.60 21.84 -11.88
CA LEU E 56 -2.04 21.31 -13.11
C LEU E 56 -0.52 21.45 -13.13
N GLN E 57 0.01 22.60 -12.71
CA GLN E 57 1.46 22.79 -12.70
C GLN E 57 2.15 21.87 -11.71
N GLU E 58 1.60 21.71 -10.50
CA GLU E 58 2.18 20.77 -9.54
C GLU E 58 2.20 19.35 -10.08
N ALA E 59 1.10 18.89 -10.66
CA ALA E 59 1.07 17.55 -11.25
C ALA E 59 2.07 17.39 -12.38
N CYS E 60 2.17 18.38 -13.28
CA CYS E 60 3.11 18.30 -14.39
C CYS E 60 4.54 18.25 -13.91
N GLU E 61 4.91 19.09 -12.94
CA GLU E 61 6.28 19.08 -12.44
C GLU E 61 6.61 17.79 -11.72
N ALA E 62 5.68 17.24 -10.91
CA ALA E 62 5.94 15.96 -10.29
C ALA E 62 6.12 14.86 -11.32
N TYR E 63 5.27 14.83 -12.35
CA TYR E 63 5.39 13.83 -13.40
C TYR E 63 6.73 13.93 -14.11
N LEU E 64 7.15 15.15 -14.46
CA LEU E 64 8.42 15.32 -15.17
C LEU E 64 9.60 14.96 -14.29
N VAL E 65 9.55 15.28 -13.00
CA VAL E 65 10.66 14.91 -12.11
C VAL E 65 10.76 13.40 -11.99
N GLY E 66 9.63 12.69 -11.83
CA GLY E 66 9.69 11.24 -11.79
C GLY E 66 10.21 10.63 -13.09
N LEU E 67 9.76 11.18 -14.23
CA LEU E 67 10.25 10.70 -15.51
C LEU E 67 11.76 10.93 -15.64
N PHE E 68 12.26 12.05 -15.12
CA PHE E 68 13.69 12.31 -15.18
C PHE E 68 14.49 11.38 -14.26
N GLU E 69 13.94 11.03 -13.10
CA GLU E 69 14.62 10.00 -12.29
C GLU E 69 14.71 8.68 -13.04
N ASP E 70 13.61 8.27 -13.69
CA ASP E 70 13.65 7.01 -14.42
C ASP E 70 14.60 7.07 -15.62
N THR E 71 14.60 8.18 -16.35
CA THR E 71 15.49 8.30 -17.50
C THR E 71 16.95 8.46 -17.08
N ASN E 72 17.21 8.92 -15.85
CA ASN E 72 18.57 8.87 -15.31
C ASN E 72 18.99 7.45 -14.99
N LEU E 73 18.10 6.66 -14.39
CA LEU E 73 18.41 5.25 -14.18
C LEU E 73 18.68 4.52 -15.49
N CYS E 74 17.91 4.81 -16.54
CA CYS E 74 18.18 4.21 -17.84
C CYS E 74 19.56 4.57 -18.38
N ALA E 75 19.94 5.85 -18.29
CA ALA E 75 21.25 6.26 -18.77
C ALA E 75 22.37 5.61 -17.98
N ILE E 76 22.21 5.50 -16.66
CA ILE E 76 23.23 4.81 -15.86
C ILE E 76 23.30 3.35 -16.23
N HIS E 77 22.16 2.73 -16.53
CA HIS E 77 22.15 1.34 -16.98
C HIS E 77 22.89 1.18 -18.30
N ALA E 78 22.79 2.17 -19.19
CA ALA E 78 23.51 2.14 -20.46
C ALA E 78 24.96 2.59 -20.33
N LYS E 79 25.49 2.63 -19.11
CA LYS E 79 26.88 3.00 -18.82
C LYS E 79 27.21 4.43 -19.26
N ARG E 80 26.24 5.34 -19.19
CA ARG E 80 26.44 6.74 -19.52
C ARG E 80 26.14 7.59 -18.29
N VAL E 81 26.40 8.89 -18.41
CA VAL E 81 26.01 9.85 -17.39
C VAL E 81 25.15 10.93 -18.06
N THR E 82 25.19 10.98 -19.38
CA THR E 82 24.37 11.90 -20.15
C THR E 82 23.07 11.22 -20.53
N ILE E 83 21.96 11.80 -20.10
CA ILE E 83 20.66 11.30 -20.56
C ILE E 83 20.43 11.80 -21.98
N MET E 84 19.59 11.08 -22.72
CA MET E 84 19.28 11.41 -24.10
C MET E 84 17.95 10.74 -24.45
N PRO E 85 17.28 11.18 -25.53
CA PRO E 85 15.89 10.76 -25.75
C PRO E 85 15.67 9.25 -25.82
N LYS E 86 16.69 8.45 -26.15
CA LYS E 86 16.54 7.00 -26.04
C LYS E 86 16.18 6.60 -24.62
N ASP E 87 16.79 7.25 -23.63
CA ASP E 87 16.52 6.94 -22.24
C ASP E 87 15.09 7.29 -21.86
N ILE E 88 14.61 8.46 -22.30
CA ILE E 88 13.23 8.86 -22.02
C ILE E 88 12.26 7.89 -22.68
N GLN E 89 12.53 7.49 -23.93
CA GLN E 89 11.67 6.54 -24.61
C GLN E 89 11.65 5.19 -23.92
N LEU E 90 12.81 4.69 -23.46
CA LEU E 90 12.82 3.43 -22.73
C LEU E 90 12.01 3.52 -21.44
N ALA E 91 12.18 4.61 -20.69
CA ALA E 91 11.40 4.77 -19.46
C ALA E 91 9.90 4.82 -19.76
N ARG E 92 9.50 5.60 -20.75
CA ARG E 92 8.07 5.70 -21.10
C ARG E 92 7.52 4.35 -21.53
N ARG E 93 8.28 3.59 -22.31
CA ARG E 93 7.79 2.29 -22.78
C ARG E 93 7.68 1.29 -21.65
N ILE E 94 8.63 1.29 -20.71
CA ILE E 94 8.55 0.34 -19.61
C ILE E 94 7.42 0.69 -18.67
N ARG E 95 7.19 1.98 -18.40
CA ARG E 95 6.06 2.36 -17.56
C ARG E 95 4.71 2.25 -18.26
N GLY E 96 4.69 1.78 -19.51
CA GLY E 96 3.43 1.54 -20.19
C GLY E 96 2.75 2.76 -20.75
N GLU E 97 3.50 3.83 -21.00
CA GLU E 97 2.95 5.04 -21.60
C GLU E 97 3.22 5.16 -23.08
N ARG E 98 3.93 4.21 -23.68
CA ARG E 98 4.26 4.27 -25.09
C ARG E 98 4.46 2.86 -25.66
N ARG F 2 -0.72 30.18 -30.59
CA ARG F 2 0.19 29.04 -30.60
C ARG F 2 1.55 29.43 -30.03
N ASP F 3 2.55 28.57 -30.24
CA ASP F 3 3.95 28.80 -29.88
C ASP F 3 4.18 28.90 -28.38
N ASN F 4 3.23 28.45 -27.56
CA ASN F 4 3.40 28.57 -26.11
C ASN F 4 4.14 27.38 -25.51
N ILE F 5 4.37 26.31 -26.28
CA ILE F 5 5.19 25.21 -25.79
C ILE F 5 6.65 25.64 -25.65
N GLN F 6 7.07 26.66 -26.39
CA GLN F 6 8.41 27.19 -26.24
C GLN F 6 8.59 27.95 -24.93
N GLY F 7 7.50 28.27 -24.24
CA GLY F 7 7.60 28.86 -22.91
C GLY F 7 8.19 27.93 -21.88
N ILE F 8 8.12 26.62 -22.12
CA ILE F 8 8.82 25.64 -21.30
C ILE F 8 10.27 25.66 -21.75
N THR F 9 11.10 26.44 -21.05
CA THR F 9 12.40 26.82 -21.58
C THR F 9 13.47 25.78 -21.23
N LYS F 10 14.60 25.92 -21.92
CA LYS F 10 15.77 25.09 -21.64
C LYS F 10 16.22 25.15 -20.18
N PRO F 11 16.39 26.32 -19.54
CA PRO F 11 16.72 26.31 -18.11
C PRO F 11 15.67 25.67 -17.22
N ALA F 12 14.38 25.83 -17.54
CA ALA F 12 13.35 25.18 -16.75
C ALA F 12 13.43 23.67 -16.85
N ILE F 13 13.64 23.14 -18.06
CA ILE F 13 13.81 21.70 -18.22
C ILE F 13 15.08 21.23 -17.52
N ARG F 14 16.15 22.03 -17.59
CA ARG F 14 17.39 21.66 -16.92
C ARG F 14 17.23 21.58 -15.41
N ARG F 15 16.53 22.53 -14.80
CA ARG F 15 16.34 22.47 -13.35
C ARG F 15 15.32 21.42 -12.94
N LEU F 16 14.35 21.09 -13.80
CA LEU F 16 13.54 19.90 -13.54
C LEU F 16 14.40 18.65 -13.53
N ALA F 17 15.32 18.52 -14.50
CA ALA F 17 16.24 17.38 -14.51
C ALA F 17 17.15 17.39 -13.29
N ARG F 18 17.60 18.56 -12.85
CA ARG F 18 18.43 18.65 -11.66
C ARG F 18 17.69 18.18 -10.42
N ARG F 19 16.43 18.58 -10.26
CA ARG F 19 15.63 18.04 -9.16
C ARG F 19 15.45 16.53 -9.32
N GLY F 20 15.32 16.05 -10.56
CA GLY F 20 15.29 14.62 -10.79
C GLY F 20 16.60 13.90 -10.56
N GLY F 21 17.70 14.63 -10.41
CA GLY F 21 18.99 14.04 -10.13
C GLY F 21 19.89 13.82 -11.32
N VAL F 22 19.67 14.52 -12.43
CA VAL F 22 20.40 14.27 -13.66
C VAL F 22 21.68 15.10 -13.66
N LYS F 23 22.80 14.46 -14.01
CA LYS F 23 24.11 15.12 -14.01
C LYS F 23 24.30 16.01 -15.25
N ARG F 24 24.02 15.48 -16.44
CA ARG F 24 24.13 16.28 -17.65
C ARG F 24 23.09 15.83 -18.66
N ILE F 25 22.74 16.73 -19.57
CA ILE F 25 21.61 16.59 -20.49
C ILE F 25 22.11 16.80 -21.91
N SER F 26 21.73 15.90 -22.82
CA SER F 26 22.02 16.10 -24.23
C SER F 26 21.08 17.15 -24.81
N GLY F 27 21.47 17.70 -25.96
CA GLY F 27 20.72 18.81 -26.54
C GLY F 27 19.42 18.43 -27.19
N LEU F 28 19.17 17.14 -27.43
CA LEU F 28 17.96 16.68 -28.11
C LEU F 28 16.84 16.34 -27.12
N ILE F 29 17.03 16.65 -25.85
CA ILE F 29 16.05 16.32 -24.82
C ILE F 29 15.03 17.42 -24.60
N TYR F 30 15.39 18.69 -24.85
CA TYR F 30 14.44 19.76 -24.62
C TYR F 30 13.22 19.67 -25.51
N GLU F 31 13.38 19.24 -26.76
CA GLU F 31 12.25 19.02 -27.64
C GLU F 31 11.50 17.72 -27.36
N GLU F 32 12.12 16.76 -26.68
CA GLU F 32 11.47 15.51 -26.30
C GLU F 32 10.59 15.70 -25.08
N THR F 33 11.12 16.36 -24.06
CA THR F 33 10.36 16.57 -22.82
C THR F 33 9.18 17.52 -23.02
N ARG F 34 9.31 18.52 -23.89
CA ARG F 34 8.17 19.40 -24.10
C ARG F 34 7.10 18.78 -25.01
N GLY F 35 7.41 17.66 -25.67
CA GLY F 35 6.35 16.87 -26.28
C GLY F 35 5.71 15.91 -25.30
N VAL F 36 6.53 15.31 -24.43
CA VAL F 36 5.98 14.47 -23.36
C VAL F 36 5.06 15.27 -22.45
N LEU F 37 5.48 16.49 -22.09
CA LEU F 37 4.67 17.34 -21.22
C LEU F 37 3.35 17.69 -21.87
N LYS F 38 3.35 18.02 -23.17
CA LYS F 38 2.08 18.34 -23.78
C LYS F 38 1.20 17.11 -23.93
N VAL F 39 1.77 15.92 -24.17
CA VAL F 39 0.93 14.73 -24.18
C VAL F 39 0.25 14.53 -22.82
N PHE F 40 1.02 14.69 -21.75
CA PHE F 40 0.46 14.57 -20.40
C PHE F 40 -0.64 15.61 -20.16
N LEU F 41 -0.41 16.84 -20.60
CA LEU F 41 -1.39 17.91 -20.39
C LEU F 41 -2.65 17.71 -21.20
N GLU F 42 -2.53 17.26 -22.46
CA GLU F 42 -3.71 16.92 -23.24
C GLU F 42 -4.49 15.77 -22.62
N ASN F 43 -3.81 14.80 -22.02
CA ASN F 43 -4.52 13.74 -21.33
C ASN F 43 -5.27 14.23 -20.09
N VAL F 44 -4.68 15.15 -19.31
CA VAL F 44 -5.35 15.57 -18.09
C VAL F 44 -6.45 16.61 -18.37
N ILE F 45 -6.16 17.59 -19.21
CA ILE F 45 -7.10 18.68 -19.47
C ILE F 45 -8.33 18.16 -20.20
N ARG F 46 -8.17 17.14 -21.06
CA ARG F 46 -9.31 16.58 -21.76
C ARG F 46 -10.33 15.97 -20.79
N ASP F 47 -9.87 15.32 -19.72
CA ASP F 47 -10.77 14.83 -18.69
C ASP F 47 -11.34 15.96 -17.83
N ALA F 48 -10.51 16.95 -17.50
CA ALA F 48 -11.00 18.06 -16.69
C ALA F 48 -12.14 18.80 -17.40
N VAL F 49 -11.99 19.07 -18.69
CA VAL F 49 -13.04 19.77 -19.43
C VAL F 49 -14.30 18.93 -19.60
N THR F 50 -14.19 17.61 -19.72
CA THR F 50 -15.38 16.77 -19.74
C THR F 50 -16.07 16.74 -18.38
N TYR F 51 -15.33 16.87 -17.28
CA TYR F 51 -15.98 17.08 -15.99
C TYR F 51 -16.72 18.41 -15.93
N THR F 52 -16.08 19.48 -16.43
CA THR F 52 -16.75 20.79 -16.44
C THR F 52 -18.00 20.79 -17.31
N GLU F 53 -17.95 20.18 -18.49
CA GLU F 53 -19.12 20.12 -19.35
C GLU F 53 -20.25 19.35 -18.70
N HIS F 54 -19.93 18.23 -18.05
CA HIS F 54 -20.96 17.48 -17.35
C HIS F 54 -21.57 18.30 -16.22
N ALA F 55 -20.77 19.11 -15.55
CA ALA F 55 -21.29 20.03 -14.54
C ALA F 55 -22.02 21.22 -15.16
N LYS F 56 -22.00 21.35 -16.49
CA LYS F 56 -22.61 22.47 -17.20
C LYS F 56 -22.02 23.81 -16.77
N ARG F 57 -20.72 23.81 -16.47
CA ARG F 57 -20.02 25.02 -16.07
C ARG F 57 -19.22 25.58 -17.24
N LYS F 58 -18.73 26.80 -17.06
CA LYS F 58 -17.82 27.42 -18.02
C LYS F 58 -16.39 27.53 -17.52
N THR F 59 -16.17 27.33 -16.22
CA THR F 59 -14.84 27.42 -15.64
C THR F 59 -14.38 26.05 -15.16
N VAL F 60 -13.08 25.80 -15.31
CA VAL F 60 -12.45 24.57 -14.87
C VAL F 60 -11.97 24.79 -13.44
N THR F 61 -12.57 24.07 -12.50
CA THR F 61 -12.23 24.22 -11.10
C THR F 61 -11.05 23.34 -10.71
N ALA F 62 -10.47 23.62 -9.55
CA ALA F 62 -9.38 22.80 -9.05
C ALA F 62 -9.83 21.37 -8.78
N MET F 63 -11.06 21.19 -8.31
CA MET F 63 -11.51 19.86 -8.00
C MET F 63 -11.72 19.03 -9.27
N ASP F 64 -12.06 19.69 -10.38
CA ASP F 64 -12.12 19.01 -11.67
C ASP F 64 -10.76 18.48 -12.09
N VAL F 65 -9.71 19.27 -11.91
CA VAL F 65 -8.36 18.80 -12.21
C VAL F 65 -7.98 17.66 -11.28
N VAL F 66 -8.35 17.76 -10.01
CA VAL F 66 -8.05 16.70 -9.05
C VAL F 66 -8.74 15.40 -9.46
N TYR F 67 -10.02 15.48 -9.87
CA TYR F 67 -10.73 14.30 -10.36
C TYR F 67 -10.10 13.75 -11.62
N ALA F 68 -9.70 14.62 -12.55
CA ALA F 68 -9.05 14.13 -13.77
C ALA F 68 -7.75 13.40 -13.46
N LEU F 69 -6.98 13.91 -12.50
CA LEU F 69 -5.74 13.24 -12.11
C LEU F 69 -6.00 11.93 -11.38
N LYS F 70 -6.97 11.90 -10.48
CA LYS F 70 -7.29 10.66 -9.75
C LYS F 70 -7.75 9.58 -10.71
N ARG F 71 -8.43 9.96 -11.77
CA ARG F 71 -8.89 9.04 -12.79
C ARG F 71 -7.74 8.36 -13.53
N GLN F 72 -6.56 8.96 -13.54
CA GLN F 72 -5.37 8.40 -14.16
C GLN F 72 -4.42 7.75 -13.16
N GLY F 73 -4.82 7.63 -11.90
CA GLY F 73 -3.93 7.07 -10.89
C GLY F 73 -2.83 7.99 -10.45
N ARG F 74 -3.06 9.30 -10.48
CA ARG F 74 -2.07 10.32 -10.10
C ARG F 74 -2.67 11.27 -9.08
N THR F 75 -3.25 10.73 -8.02
CA THR F 75 -3.96 11.53 -7.03
C THR F 75 -3.05 12.60 -6.43
N LEU F 76 -3.65 13.76 -6.15
CA LEU F 76 -2.94 14.95 -5.72
C LEU F 76 -3.53 15.45 -4.41
N TYR F 77 -2.66 15.72 -3.44
CA TYR F 77 -3.06 16.21 -2.13
C TYR F 77 -2.81 17.71 -2.03
N GLY F 78 -3.75 18.44 -1.45
CA GLY F 78 -3.54 19.83 -1.16
C GLY F 78 -4.44 20.81 -1.89
N PHE F 79 -5.39 20.29 -2.67
CA PHE F 79 -6.30 21.15 -3.43
C PHE F 79 -7.76 20.80 -3.18
N GLY F 80 -8.05 20.06 -2.13
CA GLY F 80 -9.42 19.68 -1.81
C GLY F 80 -9.59 18.20 -1.55
N ALA G 1 -55.03 -9.40 -20.22
CA ALA G 1 -55.48 -8.87 -21.50
C ALA G 1 -55.21 -7.37 -21.60
N ARG G 2 -53.98 -6.98 -21.28
CA ARG G 2 -53.58 -5.57 -21.34
C ARG G 2 -53.00 -5.24 -22.71
N ALA G 3 -51.90 -5.91 -23.06
CA ALA G 3 -51.20 -5.74 -24.34
C ALA G 3 -50.08 -6.77 -24.38
N LYS G 4 -49.67 -7.11 -25.59
CA LYS G 4 -48.57 -8.04 -25.77
C LYS G 4 -47.26 -7.38 -25.36
N ALA G 5 -46.48 -8.09 -24.54
CA ALA G 5 -45.28 -7.51 -23.95
C ALA G 5 -44.21 -7.30 -25.01
N LYS G 6 -43.83 -6.05 -25.23
CA LYS G 6 -42.73 -5.70 -26.13
C LYS G 6 -41.51 -5.35 -25.31
N THR G 7 -40.38 -5.98 -25.63
CA THR G 7 -39.16 -5.77 -24.86
C THR G 7 -38.58 -4.37 -25.11
N ARG G 8 -38.03 -3.79 -24.05
CA ARG G 8 -37.33 -2.51 -24.19
C ARG G 8 -36.12 -2.62 -25.09
N SER G 9 -35.52 -3.81 -25.20
CA SER G 9 -34.46 -4.03 -26.17
C SER G 9 -34.96 -3.94 -27.60
N SER G 10 -36.12 -4.50 -27.91
CA SER G 10 -36.70 -4.41 -29.23
C SER G 10 -37.26 -3.03 -29.55
N ARG G 11 -37.69 -2.28 -28.53
CA ARG G 11 -38.11 -0.91 -28.77
C ARG G 11 -36.96 -0.03 -29.24
N ALA G 12 -35.76 -0.24 -28.71
CA ALA G 12 -34.59 0.52 -29.09
C ALA G 12 -33.78 -0.13 -30.21
N GLY G 13 -34.23 -1.27 -30.72
CA GLY G 13 -33.51 -1.95 -31.78
C GLY G 13 -32.16 -2.49 -31.35
N LEU G 14 -32.10 -3.10 -30.17
CA LEU G 14 -30.87 -3.64 -29.61
C LEU G 14 -30.98 -5.15 -29.46
N GLN G 15 -29.82 -5.80 -29.38
CA GLN G 15 -29.73 -7.22 -29.08
C GLN G 15 -29.45 -7.50 -27.62
N PHE G 16 -28.68 -6.63 -26.96
CA PHE G 16 -28.40 -6.80 -25.55
C PHE G 16 -29.63 -6.46 -24.72
N PRO G 17 -29.81 -7.12 -23.57
CA PRO G 17 -31.01 -6.89 -22.78
C PRO G 17 -31.00 -5.53 -22.10
N VAL G 18 -32.15 -4.86 -22.13
CA VAL G 18 -32.30 -3.59 -21.43
C VAL G 18 -32.82 -3.81 -20.02
N GLY G 19 -33.75 -4.74 -19.84
CA GLY G 19 -34.26 -5.04 -18.51
C GLY G 19 -33.21 -5.61 -17.57
N ARG G 20 -32.37 -6.51 -18.08
CA ARG G 20 -31.31 -7.06 -17.25
C ARG G 20 -30.30 -5.99 -16.85
N VAL G 21 -29.94 -5.11 -17.80
CA VAL G 21 -29.03 -4.02 -17.48
C VAL G 21 -29.66 -3.08 -16.45
N HIS G 22 -30.95 -2.78 -16.58
CA HIS G 22 -31.62 -1.93 -15.60
C HIS G 22 -31.62 -2.58 -14.22
N ARG G 23 -31.89 -3.88 -14.16
CA ARG G 23 -31.85 -4.59 -12.87
C ARG G 23 -30.46 -4.55 -12.26
N LEU G 24 -29.43 -4.81 -13.06
CA LEU G 24 -28.06 -4.80 -12.55
C LEU G 24 -27.64 -3.40 -12.10
N LEU G 25 -28.13 -2.36 -12.78
CA LEU G 25 -27.88 -0.99 -12.33
C LEU G 25 -28.58 -0.71 -11.02
N ARG G 26 -29.82 -1.20 -10.86
CA ARG G 26 -30.60 -0.91 -9.67
C ARG G 26 -30.10 -1.65 -8.44
N LYS G 27 -29.59 -2.87 -8.57
CA LYS G 27 -29.17 -3.65 -7.41
C LYS G 27 -27.68 -3.55 -7.13
N GLY G 28 -26.95 -2.75 -7.91
CA GLY G 28 -25.52 -2.64 -7.76
C GLY G 28 -25.03 -1.56 -6.82
N ASN G 29 -25.93 -0.83 -6.17
CA ASN G 29 -25.59 0.25 -5.25
C ASN G 29 -24.71 1.31 -5.94
N TYR G 30 -25.19 1.78 -7.09
CA TYR G 30 -24.52 2.84 -7.82
C TYR G 30 -25.14 4.20 -7.57
N SER G 31 -26.46 4.26 -7.40
CA SER G 31 -27.14 5.51 -7.08
C SER G 31 -28.47 5.17 -6.43
N GLU G 32 -29.08 6.20 -5.82
CA GLU G 32 -30.39 6.01 -5.22
C GLU G 32 -31.46 5.72 -6.26
N ARG G 33 -31.36 6.35 -7.43
CA ARG G 33 -32.36 6.19 -8.48
C ARG G 33 -31.66 6.02 -9.82
N VAL G 34 -32.34 5.38 -10.76
CA VAL G 34 -31.81 5.09 -12.09
C VAL G 34 -32.79 5.62 -13.13
N GLY G 35 -32.29 6.43 -14.06
CA GLY G 35 -33.15 6.99 -15.08
C GLY G 35 -33.59 5.96 -16.09
N ALA G 36 -34.57 6.35 -16.91
CA ALA G 36 -35.15 5.43 -17.88
C ALA G 36 -34.22 5.16 -19.06
N GLY G 37 -33.52 6.19 -19.54
CA GLY G 37 -32.65 6.03 -20.68
C GLY G 37 -31.25 5.53 -20.38
N ALA G 38 -30.87 5.46 -19.11
CA ALA G 38 -29.56 4.99 -18.72
C ALA G 38 -29.32 3.53 -19.14
N PRO G 39 -30.22 2.59 -18.82
CA PRO G 39 -30.01 1.22 -19.32
C PRO G 39 -30.02 1.13 -20.83
N VAL G 40 -30.83 1.93 -21.53
CA VAL G 40 -30.85 1.89 -22.98
C VAL G 40 -29.51 2.34 -23.55
N TYR G 41 -28.93 3.41 -22.99
CA TYR G 41 -27.63 3.87 -23.43
C TYR G 41 -26.55 2.85 -23.14
N LEU G 42 -26.55 2.28 -21.93
CA LEU G 42 -25.52 1.33 -21.54
C LEU G 42 -25.57 0.05 -22.34
N ALA G 43 -26.77 -0.48 -22.61
CA ALA G 43 -26.90 -1.66 -23.45
C ALA G 43 -26.40 -1.41 -24.86
N ALA G 44 -26.70 -0.25 -25.45
CA ALA G 44 -26.17 0.07 -26.77
C ALA G 44 -24.65 0.16 -26.78
N VAL G 45 -24.06 0.78 -25.76
CA VAL G 45 -22.60 0.86 -25.70
C VAL G 45 -21.99 -0.54 -25.59
N LEU G 46 -22.55 -1.38 -24.71
CA LEU G 46 -22.03 -2.74 -24.57
C LEU G 46 -22.17 -3.54 -25.84
N GLU G 47 -23.31 -3.43 -26.53
CA GLU G 47 -23.50 -4.14 -27.79
C GLU G 47 -22.52 -3.65 -28.85
N TYR G 48 -22.28 -2.34 -28.93
CA TYR G 48 -21.32 -1.84 -29.91
C TYR G 48 -19.92 -2.39 -29.63
N LEU G 49 -19.48 -2.37 -28.38
CA LEU G 49 -18.14 -2.88 -28.06
C LEU G 49 -18.04 -4.37 -28.35
N THR G 50 -19.07 -5.14 -28.00
CA THR G 50 -19.09 -6.56 -28.31
C THR G 50 -19.04 -6.81 -29.81
N ALA G 51 -19.80 -6.05 -30.60
CA ALA G 51 -19.76 -6.20 -32.04
C ALA G 51 -18.40 -5.88 -32.61
N GLU G 52 -17.75 -4.83 -32.09
CA GLU G 52 -16.41 -4.48 -32.57
C GLU G 52 -15.42 -5.62 -32.33
N ILE G 53 -15.37 -6.11 -31.09
CA ILE G 53 -14.41 -7.17 -30.78
C ILE G 53 -14.74 -8.46 -31.53
N LEU G 54 -16.02 -8.81 -31.63
CA LEU G 54 -16.39 -10.00 -32.38
C LEU G 54 -16.05 -9.89 -33.86
N GLU G 55 -16.25 -8.72 -34.46
CA GLU G 55 -15.88 -8.54 -35.87
C GLU G 55 -14.37 -8.71 -36.06
N LEU G 56 -13.57 -8.06 -35.22
CA LEU G 56 -12.12 -8.21 -35.35
C LEU G 56 -11.65 -9.64 -35.09
N ALA G 57 -12.23 -10.31 -34.08
CA ALA G 57 -11.84 -11.69 -33.79
C ALA G 57 -12.28 -12.64 -34.88
N GLY G 58 -13.43 -12.40 -35.50
CA GLY G 58 -13.84 -13.20 -36.64
C GLY G 58 -12.92 -13.03 -37.82
N ASN G 59 -12.48 -11.78 -38.09
CA ASN G 59 -11.49 -11.58 -39.13
C ASN G 59 -10.19 -12.33 -38.82
N ALA G 60 -9.74 -12.27 -37.57
CA ALA G 60 -8.52 -12.97 -37.19
C ALA G 60 -8.66 -14.48 -37.32
N ALA G 61 -9.81 -15.05 -36.93
CA ALA G 61 -10.03 -16.47 -37.08
C ALA G 61 -10.12 -16.90 -38.54
N ARG G 62 -10.76 -16.07 -39.38
CA ARG G 62 -10.80 -16.34 -40.81
C ARG G 62 -9.43 -16.26 -41.46
N ASP G 63 -8.55 -15.39 -40.95
CA ASP G 63 -7.18 -15.35 -41.47
C ASP G 63 -6.39 -16.60 -41.13
N ASN G 64 -6.84 -17.39 -40.16
CA ASN G 64 -6.19 -18.64 -39.78
C ASN G 64 -6.92 -19.86 -40.33
N LYS G 65 -7.86 -19.66 -41.26
CA LYS G 65 -8.61 -20.76 -41.89
C LYS G 65 -9.38 -21.57 -40.84
N LYS G 66 -9.98 -20.87 -39.89
CA LYS G 66 -10.80 -21.49 -38.85
C LYS G 66 -12.20 -20.89 -38.87
N THR G 67 -13.17 -21.69 -38.43
CA THR G 67 -14.56 -21.25 -38.39
C THR G 67 -15.08 -20.99 -36.98
N ARG G 68 -14.27 -21.24 -35.96
CA ARG G 68 -14.61 -20.89 -34.58
C ARG G 68 -13.65 -19.85 -34.08
N ILE G 69 -14.12 -18.99 -33.18
CA ILE G 69 -13.27 -18.02 -32.51
C ILE G 69 -12.79 -18.63 -31.19
N ILE G 70 -11.48 -18.77 -31.05
CA ILE G 70 -10.89 -19.26 -29.81
C ILE G 70 -10.23 -18.07 -29.11
N PRO G 71 -9.84 -18.18 -27.84
CA PRO G 71 -9.22 -17.03 -27.16
C PRO G 71 -7.98 -16.49 -27.85
N ARG G 72 -7.26 -17.31 -28.63
CA ARG G 72 -6.13 -16.78 -29.38
C ARG G 72 -6.55 -15.70 -30.36
N HIS G 73 -7.66 -15.91 -31.06
CA HIS G 73 -8.14 -14.90 -32.00
C HIS G 73 -8.62 -13.64 -31.29
N LEU G 74 -9.27 -13.79 -30.13
CA LEU G 74 -9.63 -12.62 -29.35
C LEU G 74 -8.40 -11.83 -28.92
N GLN G 75 -7.37 -12.52 -28.45
CA GLN G 75 -6.13 -11.84 -28.06
C GLN G 75 -5.49 -11.12 -29.25
N LEU G 76 -5.45 -11.78 -30.40
CA LEU G 76 -4.88 -11.15 -31.59
C LEU G 76 -5.68 -9.91 -31.99
N ALA G 77 -7.01 -10.01 -31.97
CA ALA G 77 -7.84 -8.88 -32.34
C ALA G 77 -7.65 -7.71 -31.39
N ILE G 78 -7.57 -7.99 -30.09
CA ILE G 78 -7.40 -6.91 -29.11
C ILE G 78 -6.02 -6.28 -29.23
N ARG G 79 -4.97 -7.08 -29.36
CA ARG G 79 -3.62 -6.52 -29.36
C ARG G 79 -3.22 -5.93 -30.71
N ASN G 80 -3.94 -6.25 -31.79
CA ASN G 80 -3.65 -5.62 -33.07
C ASN G 80 -4.37 -4.30 -33.27
N ASP G 81 -5.54 -4.14 -32.66
CA ASP G 81 -6.28 -2.89 -32.75
C ASP G 81 -5.76 -1.90 -31.72
N GLU G 82 -5.40 -0.70 -32.18
CA GLU G 82 -4.81 0.31 -31.31
C GLU G 82 -5.78 0.81 -30.24
N GLU G 83 -7.05 1.02 -30.58
CA GLU G 83 -8.02 1.48 -29.61
C GLU G 83 -8.34 0.44 -28.55
N LEU G 84 -8.63 -0.80 -28.98
CA LEU G 84 -8.92 -1.87 -28.03
C LEU G 84 -7.72 -2.25 -27.19
N ASN G 85 -6.51 -2.18 -27.76
CA ASN G 85 -5.31 -2.49 -26.99
C ASN G 85 -5.13 -1.54 -25.82
N LYS G 86 -5.37 -0.24 -26.04
CA LYS G 86 -5.29 0.72 -24.95
C LYS G 86 -6.49 0.66 -24.01
N LEU G 87 -7.66 0.28 -24.52
CA LEU G 87 -8.81 0.05 -23.65
C LEU G 87 -8.57 -1.13 -22.69
N LEU G 88 -7.91 -2.18 -23.18
CA LEU G 88 -7.70 -3.40 -22.42
C LEU G 88 -6.22 -3.68 -22.22
N GLY G 89 -5.46 -2.65 -21.85
CA GLY G 89 -4.04 -2.80 -21.67
C GLY G 89 -3.63 -3.53 -20.40
N ARG G 90 -4.48 -3.54 -19.38
CA ARG G 90 -4.18 -4.19 -18.12
C ARG G 90 -4.96 -5.50 -17.94
N VAL G 91 -5.28 -6.17 -19.03
CA VAL G 91 -6.14 -7.35 -19.02
C VAL G 91 -5.34 -8.55 -19.51
N THR G 92 -5.38 -9.64 -18.74
CA THR G 92 -4.82 -10.91 -19.16
C THR G 92 -5.92 -11.80 -19.69
N ILE G 93 -5.70 -12.39 -20.87
CA ILE G 93 -6.66 -13.29 -21.49
C ILE G 93 -6.12 -14.70 -21.36
N ALA G 94 -6.90 -15.58 -20.73
CA ALA G 94 -6.47 -16.96 -20.55
C ALA G 94 -6.37 -17.67 -21.89
N GLN G 95 -5.29 -18.45 -22.06
CA GLN G 95 -5.02 -19.17 -23.31
C GLN G 95 -4.97 -18.23 -24.51
N GLY G 96 -4.36 -17.07 -24.31
CA GLY G 96 -4.31 -16.07 -25.35
C GLY G 96 -2.96 -15.94 -26.04
N GLY G 97 -1.88 -16.18 -25.30
CA GLY G 97 -0.57 -16.02 -25.88
C GLY G 97 -0.18 -14.56 -26.04
N VAL G 98 0.77 -14.33 -26.94
CA VAL G 98 1.29 -12.99 -27.19
C VAL G 98 1.34 -12.74 -28.70
N LEU G 99 1.57 -11.48 -29.09
CA LEU G 99 1.79 -11.21 -30.51
C LEU G 99 3.17 -11.67 -30.93
N PRO G 100 3.30 -12.35 -32.06
CA PRO G 100 4.63 -12.72 -32.55
C PRO G 100 5.40 -11.54 -33.09
N ASN G 101 6.39 -11.06 -32.35
CA ASN G 101 7.27 -9.98 -32.80
C ASN G 101 8.66 -10.19 -32.22
N ILE G 102 9.66 -10.15 -33.08
CA ILE G 102 11.06 -10.32 -32.68
C ILE G 102 11.79 -9.02 -32.96
N GLN G 103 12.57 -8.54 -31.98
CA GLN G 103 13.33 -7.33 -32.14
C GLN G 103 14.30 -7.44 -33.30
N ALA G 104 14.41 -6.38 -34.09
CA ALA G 104 15.26 -6.39 -35.28
C ALA G 104 16.73 -6.57 -34.94
N VAL G 105 17.15 -6.22 -33.73
CA VAL G 105 18.55 -6.42 -33.34
C VAL G 105 18.88 -7.91 -33.27
N LEU G 106 17.94 -8.73 -32.79
CA LEU G 106 18.19 -10.15 -32.61
C LEU G 106 18.18 -10.93 -33.91
N LEU G 107 17.63 -10.36 -34.98
CA LEU G 107 17.60 -11.07 -36.25
C LEU G 107 18.99 -11.14 -36.86
N PRO G 108 19.32 -12.21 -37.57
CA PRO G 108 20.65 -12.31 -38.21
C PRO G 108 20.74 -11.47 -39.47
N LYS G 109 21.95 -10.99 -39.73
CA LYS G 109 22.22 -10.18 -40.92
C LYS G 109 23.68 -10.26 -41.33
N ARG H 1 -29.44 -26.37 -7.38
CA ARG H 1 -29.97 -26.15 -8.71
C ARG H 1 -30.12 -24.66 -9.00
N SER H 2 -29.12 -23.88 -8.61
CA SER H 2 -29.16 -22.44 -8.82
C SER H 2 -29.01 -22.10 -10.29
N ARG H 3 -29.65 -21.01 -10.70
CA ARG H 3 -29.58 -20.51 -12.06
C ARG H 3 -28.65 -19.32 -12.11
N LYS H 4 -27.65 -19.37 -12.97
CA LYS H 4 -26.67 -18.31 -13.12
C LYS H 4 -26.82 -17.64 -14.48
N GLU H 5 -26.80 -16.31 -14.47
CA GLU H 5 -27.05 -15.53 -15.68
C GLU H 5 -25.75 -15.12 -16.35
N SER H 6 -25.79 -15.02 -17.67
CA SER H 6 -24.64 -14.62 -18.47
C SER H 6 -25.14 -13.88 -19.70
N TYR H 7 -24.20 -13.46 -20.55
CA TYR H 7 -24.51 -12.73 -21.77
C TYR H 7 -24.33 -13.58 -23.02
N SER H 8 -24.31 -14.92 -22.86
CA SER H 8 -24.00 -15.80 -23.97
C SER H 8 -25.00 -15.69 -25.11
N VAL H 9 -26.30 -15.62 -24.81
CA VAL H 9 -27.31 -15.56 -25.85
C VAL H 9 -27.11 -14.31 -26.71
N TYR H 10 -26.93 -13.16 -26.07
CA TYR H 10 -26.79 -11.90 -26.80
C TYR H 10 -25.47 -11.82 -27.54
N VAL H 11 -24.38 -12.32 -26.94
CA VAL H 11 -23.10 -12.35 -27.65
C VAL H 11 -23.20 -13.24 -28.89
N TYR H 12 -23.88 -14.38 -28.77
CA TYR H 12 -24.05 -15.27 -29.92
C TYR H 12 -24.95 -14.66 -30.98
N LYS H 13 -25.97 -13.89 -30.58
CA LYS H 13 -26.76 -13.16 -31.57
C LYS H 13 -25.93 -12.11 -32.31
N VAL H 14 -25.12 -11.35 -31.58
CA VAL H 14 -24.26 -10.36 -32.22
C VAL H 14 -23.25 -11.03 -33.14
N LEU H 15 -22.72 -12.18 -32.74
CA LEU H 15 -21.76 -12.89 -33.58
C LEU H 15 -22.39 -13.34 -34.90
N LYS H 16 -23.61 -13.86 -34.85
CA LYS H 16 -24.29 -14.26 -36.07
C LYS H 16 -24.81 -13.08 -36.87
N GLN H 17 -24.94 -11.91 -36.25
CA GLN H 17 -25.28 -10.69 -36.97
C GLN H 17 -24.08 -10.06 -37.65
N VAL H 18 -22.87 -10.28 -37.13
CA VAL H 18 -21.64 -9.72 -37.69
C VAL H 18 -20.97 -10.69 -38.67
N HIS H 19 -20.59 -11.87 -38.20
CA HIS H 19 -20.04 -12.92 -39.04
C HIS H 19 -21.05 -14.07 -39.06
N PRO H 20 -21.93 -14.10 -40.06
CA PRO H 20 -23.04 -15.08 -40.04
C PRO H 20 -22.60 -16.53 -40.11
N ASP H 21 -21.41 -16.83 -40.60
CA ASP H 21 -20.94 -18.20 -40.76
C ASP H 21 -19.72 -18.48 -39.90
N THR H 22 -19.69 -17.93 -38.70
CA THR H 22 -18.59 -18.14 -37.78
C THR H 22 -19.14 -18.53 -36.41
N GLY H 23 -18.48 -19.50 -35.78
CA GLY H 23 -18.84 -19.94 -34.45
C GLY H 23 -17.92 -19.40 -33.38
N ILE H 24 -18.10 -19.91 -32.17
CA ILE H 24 -17.32 -19.48 -31.02
C ILE H 24 -17.23 -20.64 -30.04
N SER H 25 -16.06 -20.77 -29.41
CA SER H 25 -15.82 -21.84 -28.44
C SER H 25 -16.45 -21.47 -27.10
N SER H 26 -16.47 -22.45 -26.19
CA SER H 26 -16.99 -22.19 -24.85
C SER H 26 -16.05 -21.32 -24.04
N LYS H 27 -14.73 -21.51 -24.23
CA LYS H 27 -13.78 -20.71 -23.47
C LYS H 27 -13.72 -19.27 -23.97
N ALA H 28 -13.97 -19.05 -25.26
CA ALA H 28 -14.07 -17.69 -25.77
C ALA H 28 -15.33 -16.99 -25.31
N MET H 29 -16.45 -17.72 -25.18
CA MET H 29 -17.66 -17.13 -24.63
C MET H 29 -17.50 -16.67 -23.19
N GLY H 30 -16.79 -17.44 -22.37
CA GLY H 30 -16.48 -16.97 -21.03
C GLY H 30 -15.65 -15.72 -21.00
N ILE H 31 -14.69 -15.59 -21.93
CA ILE H 31 -13.90 -14.38 -22.02
C ILE H 31 -14.76 -13.19 -22.44
N MET H 32 -15.68 -13.40 -23.37
CA MET H 32 -16.60 -12.32 -23.74
C MET H 32 -17.53 -11.94 -22.59
N ASN H 33 -17.99 -12.92 -21.81
CA ASN H 33 -18.79 -12.60 -20.62
C ASN H 33 -18.00 -11.78 -19.62
N SER H 34 -16.74 -12.16 -19.38
CA SER H 34 -15.89 -11.38 -18.49
C SER H 34 -15.68 -9.98 -19.03
N PHE H 35 -15.49 -9.83 -20.33
CA PHE H 35 -15.33 -8.51 -20.92
C PHE H 35 -16.57 -7.65 -20.72
N VAL H 36 -17.74 -8.21 -20.98
CA VAL H 36 -18.98 -7.45 -20.84
C VAL H 36 -19.19 -7.04 -19.40
N ASN H 37 -18.95 -7.95 -18.44
CA ASN H 37 -19.08 -7.60 -17.05
C ASN H 37 -18.09 -6.52 -16.63
N ASP H 38 -16.85 -6.62 -17.09
CA ASP H 38 -15.83 -5.63 -16.72
C ASP H 38 -16.18 -4.25 -17.25
N ILE H 39 -16.65 -4.18 -18.50
CA ILE H 39 -17.02 -2.88 -19.07
C ILE H 39 -18.26 -2.32 -18.37
N PHE H 40 -19.23 -3.19 -18.07
CA PHE H 40 -20.40 -2.75 -17.32
C PHE H 40 -20.00 -2.14 -16.00
N GLU H 41 -19.13 -2.82 -15.25
CA GLU H 41 -18.66 -2.31 -13.97
C GLU H 41 -17.90 -1.00 -14.10
N ARG H 42 -17.02 -0.88 -15.10
CA ARG H 42 -16.30 0.37 -15.31
C ARG H 42 -17.26 1.53 -15.56
N ILE H 43 -18.20 1.37 -16.50
CA ILE H 43 -19.09 2.47 -16.85
C ILE H 43 -20.01 2.80 -15.69
N ALA H 44 -20.55 1.78 -15.01
CA ALA H 44 -21.44 2.04 -13.89
C ALA H 44 -20.72 2.74 -12.74
N GLY H 45 -19.50 2.30 -12.42
CA GLY H 45 -18.73 2.97 -11.38
C GLY H 45 -18.36 4.39 -11.72
N GLU H 46 -18.08 4.67 -13.00
CA GLU H 46 -17.78 6.05 -13.38
C GLU H 46 -19.02 6.93 -13.33
N ALA H 47 -20.16 6.40 -13.78
CA ALA H 47 -21.41 7.17 -13.70
C ALA H 47 -21.82 7.44 -12.26
N SER H 48 -21.63 6.47 -11.37
CA SER H 48 -21.91 6.68 -9.96
C SER H 48 -21.04 7.80 -9.38
N ARG H 49 -19.75 7.80 -9.72
CA ARG H 49 -18.86 8.86 -9.28
C ARG H 49 -19.27 10.22 -9.83
N LEU H 50 -19.66 10.28 -11.10
CA LEU H 50 -20.14 11.54 -11.66
C LEU H 50 -21.38 12.05 -10.91
N ALA H 51 -22.34 11.17 -10.66
CA ALA H 51 -23.54 11.57 -9.95
C ALA H 51 -23.23 12.03 -8.54
N HIS H 52 -22.34 11.35 -7.84
CA HIS H 52 -21.92 11.78 -6.51
C HIS H 52 -21.20 13.11 -6.55
N TYR H 53 -20.36 13.33 -7.56
CA TYR H 53 -19.64 14.59 -7.68
C TYR H 53 -20.59 15.76 -7.89
N ASN H 54 -21.61 15.57 -8.71
CA ASN H 54 -22.57 16.62 -9.02
C ASN H 54 -23.72 16.69 -8.03
N LYS H 55 -23.63 15.98 -6.91
CA LYS H 55 -24.66 15.99 -5.86
C LYS H 55 -26.02 15.59 -6.40
N ARG H 56 -26.02 14.64 -7.33
CA ARG H 56 -27.24 14.07 -7.88
C ARG H 56 -27.51 12.70 -7.25
N SER H 57 -28.77 12.27 -7.32
CA SER H 57 -29.16 10.96 -6.82
C SER H 57 -29.69 10.04 -7.91
N THR H 58 -29.63 10.45 -9.17
CA THR H 58 -30.15 9.67 -10.27
C THR H 58 -29.07 9.53 -11.34
N ILE H 59 -28.90 8.31 -11.84
CA ILE H 59 -28.00 8.06 -12.97
C ILE H 59 -28.84 8.09 -14.24
N THR H 60 -28.70 9.15 -15.01
CA THR H 60 -29.43 9.31 -16.26
C THR H 60 -28.54 8.89 -17.43
N SER H 61 -29.04 9.10 -18.65
CA SER H 61 -28.23 8.80 -19.83
C SER H 61 -27.10 9.80 -20.01
N ARG H 62 -27.23 11.02 -19.48
CA ARG H 62 -26.16 11.99 -19.56
C ARG H 62 -24.93 11.56 -18.78
N GLU H 63 -25.12 11.04 -17.56
CA GLU H 63 -24.01 10.51 -16.78
C GLU H 63 -23.31 9.34 -17.47
N ILE H 64 -24.07 8.42 -18.07
CA ILE H 64 -23.47 7.32 -18.81
C ILE H 64 -22.75 7.78 -20.07
N GLN H 65 -23.28 8.78 -20.79
CA GLN H 65 -22.57 9.33 -21.92
C GLN H 65 -21.24 9.94 -21.48
N THR H 66 -21.24 10.70 -20.38
CA THR H 66 -20.00 11.28 -19.89
C THR H 66 -19.02 10.20 -19.45
N ALA H 67 -19.53 9.14 -18.80
CA ALA H 67 -18.67 8.03 -18.41
C ALA H 67 -18.05 7.34 -19.63
N VAL H 68 -18.84 7.16 -20.69
CA VAL H 68 -18.30 6.56 -21.91
C VAL H 68 -17.23 7.46 -22.51
N ARG H 69 -17.45 8.77 -22.50
CA ARG H 69 -16.43 9.69 -22.97
C ARG H 69 -15.15 9.60 -22.15
N LEU H 70 -15.27 9.44 -20.83
CA LEU H 70 -14.09 9.38 -19.97
C LEU H 70 -13.34 8.06 -20.12
N LEU H 71 -14.06 6.94 -20.23
CA LEU H 71 -13.51 5.59 -20.37
C LEU H 71 -12.99 5.28 -21.77
N LEU H 72 -13.85 5.32 -22.79
CA LEU H 72 -13.42 4.83 -24.10
C LEU H 72 -12.52 5.87 -24.78
N PRO H 73 -11.47 5.42 -25.48
CA PRO H 73 -10.54 6.37 -26.11
C PRO H 73 -10.88 6.68 -27.56
N GLY H 74 -10.63 7.94 -27.93
CA GLY H 74 -10.59 8.32 -29.34
C GLY H 74 -11.86 8.01 -30.10
N GLU H 75 -11.69 7.42 -31.28
CA GLU H 75 -12.82 7.13 -32.16
C GLU H 75 -13.74 6.07 -31.60
N LEU H 76 -13.22 5.19 -30.73
CA LEU H 76 -14.06 4.18 -30.09
C LEU H 76 -15.12 4.82 -29.22
N ALA H 77 -14.79 5.92 -28.54
CA ALA H 77 -15.79 6.67 -27.79
C ALA H 77 -16.75 7.44 -28.70
N LYS H 78 -16.25 8.01 -29.79
CA LYS H 78 -17.13 8.74 -30.71
C LYS H 78 -18.18 7.85 -31.33
N HIS H 79 -17.82 6.63 -31.74
CA HIS H 79 -18.80 5.71 -32.28
C HIS H 79 -19.77 5.22 -31.21
N ALA H 80 -19.27 4.93 -30.00
CA ALA H 80 -20.13 4.47 -28.92
C ALA H 80 -21.15 5.52 -28.50
N VAL H 81 -20.76 6.79 -28.45
CA VAL H 81 -21.71 7.85 -28.13
C VAL H 81 -22.81 7.93 -29.19
N SER H 82 -22.43 7.81 -30.47
CA SER H 82 -23.44 7.81 -31.53
C SER H 82 -24.39 6.64 -31.38
N GLU H 83 -23.86 5.44 -31.11
CA GLU H 83 -24.72 4.27 -30.94
C GLU H 83 -25.64 4.41 -29.74
N GLY H 84 -25.16 4.98 -28.63
CA GLY H 84 -26.02 5.22 -27.48
C GLY H 84 -27.11 6.23 -27.73
N THR H 85 -26.76 7.35 -28.36
CA THR H 85 -27.75 8.37 -28.65
C THR H 85 -28.81 7.87 -29.62
N LYS H 86 -28.41 7.11 -30.66
CA LYS H 86 -29.39 6.55 -31.58
C LYS H 86 -30.34 5.60 -30.88
N ALA H 87 -29.82 4.74 -30.02
CA ALA H 87 -30.68 3.82 -29.27
C ALA H 87 -31.64 4.56 -28.35
N VAL H 88 -31.17 5.58 -27.64
CA VAL H 88 -32.05 6.33 -26.76
C VAL H 88 -33.13 7.05 -27.55
N THR H 89 -32.76 7.66 -28.68
CA THR H 89 -33.74 8.35 -29.51
C THR H 89 -34.80 7.39 -30.04
N LYS H 90 -34.36 6.22 -30.55
CA LYS H 90 -35.32 5.25 -31.06
C LYS H 90 -36.22 4.71 -29.95
N TYR H 91 -35.66 4.47 -28.76
CA TYR H 91 -36.45 4.00 -27.64
C TYR H 91 -37.50 5.03 -27.23
N THR H 92 -37.13 6.30 -27.17
CA THR H 92 -38.11 7.34 -26.82
C THR H 92 -39.15 7.55 -27.92
N SER H 93 -38.77 7.38 -29.17
CA SER H 93 -39.73 7.53 -30.26
C SER H 93 -40.70 6.35 -30.37
N ALA H 94 -40.25 5.14 -30.05
CA ALA H 94 -41.11 3.96 -30.11
C ALA H 94 -42.04 3.88 -28.91
N GLU K 1 28.10 -11.97 41.57
CA GLU K 1 27.08 -10.92 41.50
C GLU K 1 27.58 -9.73 40.69
N GLU K 2 28.81 -9.30 40.92
CA GLU K 2 29.34 -8.18 40.15
C GLU K 2 29.55 -8.58 38.69
N LEU K 3 29.89 -9.85 38.45
CA LEU K 3 29.96 -10.33 37.07
C LEU K 3 28.60 -10.27 36.39
N ALA K 4 27.54 -10.64 37.11
CA ALA K 4 26.19 -10.52 36.55
C ALA K 4 25.84 -9.07 36.27
N ASN K 5 26.26 -8.17 37.17
CA ASN K 5 26.06 -6.74 36.94
C ASN K 5 26.75 -6.30 35.66
N PHE K 6 27.98 -6.74 35.44
CA PHE K 6 28.69 -6.35 34.23
C PHE K 6 28.10 -7.02 32.99
N ARG K 7 27.58 -8.24 33.12
CA ARG K 7 26.75 -8.83 32.08
C ARG K 7 25.62 -7.88 31.69
N THR K 8 24.88 -7.38 32.67
CA THR K 8 23.81 -6.43 32.38
C THR K 8 24.34 -5.17 31.72
N LEU K 9 25.47 -4.64 32.18
CA LEU K 9 25.98 -3.39 31.62
C LEU K 9 26.48 -3.55 30.19
N VAL K 10 27.05 -4.70 29.84
CA VAL K 10 27.66 -4.81 28.52
C VAL K 10 26.66 -5.38 27.51
N TYR K 11 25.81 -6.31 27.94
CA TYR K 11 24.89 -6.94 27.00
C TYR K 11 23.59 -6.13 26.90
N CYS K 12 22.95 -6.22 25.74
CA CYS K 12 21.70 -5.53 25.53
C CYS K 12 20.63 -6.07 26.46
N SER K 13 20.07 -5.18 27.28
CA SER K 13 19.08 -5.59 28.26
C SER K 13 17.89 -6.29 27.65
N LEU K 14 17.56 -6.00 26.39
CA LEU K 14 16.46 -6.67 25.73
C LEU K 14 16.81 -8.10 25.34
N CYS K 15 17.78 -8.28 24.45
CA CYS K 15 18.16 -9.61 23.99
C CYS K 15 18.99 -10.39 24.99
N SER K 16 19.91 -9.73 25.70
CA SER K 16 20.83 -10.38 26.64
C SER K 16 21.73 -11.39 25.93
N LYS K 17 21.84 -11.27 24.61
CA LYS K 17 22.68 -12.18 23.83
C LYS K 17 23.81 -11.50 23.05
N ASN K 18 23.78 -10.17 22.98
CA ASN K 18 24.81 -9.43 22.26
C ASN K 18 25.24 -8.22 23.08
N TRP K 19 26.48 -7.79 22.84
CA TRP K 19 27.03 -6.62 23.53
C TRP K 19 26.29 -5.36 23.11
N LYS K 20 26.27 -4.38 24.01
CA LYS K 20 25.73 -3.07 23.66
C LYS K 20 26.66 -2.36 22.68
N ASN K 21 26.16 -2.11 21.46
CA ASN K 21 26.97 -1.43 20.46
C ASN K 21 26.17 -0.47 19.58
N MET K 22 25.04 0.04 20.07
CA MET K 22 24.19 0.88 19.24
C MET K 22 23.46 1.84 20.18
N ALA K 23 23.73 3.14 20.07
CA ALA K 23 23.25 4.11 21.04
C ALA K 23 22.21 5.04 20.45
N ILE K 24 21.35 5.56 21.32
CA ILE K 24 20.28 6.48 20.95
C ILE K 24 20.77 7.89 21.14
N LYS K 25 20.75 8.69 20.06
CA LYS K 25 21.22 10.06 20.13
C LYS K 25 20.34 10.94 21.00
N THR K 26 19.10 10.53 21.26
CA THR K 26 18.16 11.39 21.97
C THR K 26 18.21 11.19 23.48
N CYS K 27 18.16 9.95 23.97
CA CYS K 27 18.09 9.72 25.40
C CYS K 27 19.37 9.17 26.02
N GLY K 28 20.42 8.92 25.24
CA GLY K 28 21.68 8.50 25.79
C GLY K 28 21.81 7.03 26.10
N HIS K 29 20.77 6.24 25.86
CA HIS K 29 20.85 4.81 26.09
C HIS K 29 21.59 4.14 24.94
N VAL K 30 22.07 2.92 25.18
CA VAL K 30 22.77 2.13 24.19
C VAL K 30 22.22 0.71 24.22
N PHE K 31 22.04 0.13 23.04
CA PHE K 31 21.56 -1.24 22.91
C PHE K 31 22.34 -1.88 21.76
N CYS K 32 21.87 -3.03 21.28
CA CYS K 32 22.46 -3.63 20.10
C CYS K 32 21.67 -3.24 18.86
N GLU K 33 22.38 -3.17 17.73
CA GLU K 33 21.76 -2.73 16.49
C GLU K 33 20.62 -3.67 16.11
N ASN K 34 20.74 -4.96 16.42
CA ASN K 34 19.71 -5.91 16.06
C ASN K 34 18.40 -5.60 16.79
N CYS K 35 18.48 -5.40 18.11
CA CYS K 35 17.28 -5.08 18.86
C CYS K 35 16.70 -3.73 18.46
N CYS K 36 17.57 -2.73 18.27
CA CYS K 36 17.05 -1.44 17.83
C CYS K 36 16.33 -1.55 16.49
N LYS K 37 16.92 -2.31 15.56
CA LYS K 37 16.32 -2.43 14.24
C LYS K 37 15.02 -3.21 14.28
N GLU K 38 14.92 -4.25 15.12
CA GLU K 38 13.67 -4.98 15.17
C GLU K 38 12.58 -4.16 15.84
N ARG K 39 12.96 -3.34 16.83
CA ARG K 39 11.98 -2.43 17.41
C ARG K 39 11.49 -1.41 16.41
N LEU K 40 12.39 -0.89 15.57
CA LEU K 40 11.95 -0.03 14.48
C LEU K 40 11.03 -0.76 13.53
N ALA K 41 11.37 -2.01 13.19
CA ALA K 41 10.53 -2.84 12.34
C ALA K 41 9.16 -3.11 12.96
N ALA K 42 9.06 -3.04 14.29
CA ALA K 42 7.79 -3.20 14.98
C ALA K 42 6.99 -1.91 15.03
N ARG K 43 7.50 -0.85 14.42
CA ARG K 43 6.81 0.43 14.42
C ARG K 43 6.66 1.00 15.83
N MET K 44 7.60 0.67 16.70
CA MET K 44 7.61 1.14 18.08
C MET K 44 8.79 2.09 18.24
N ARG K 45 8.52 3.38 18.09
CA ARG K 45 9.56 4.42 18.16
C ARG K 45 9.76 5.07 19.53
N LYS K 46 9.55 4.30 20.58
CA LYS K 46 9.74 4.76 21.94
C LYS K 46 10.95 4.07 22.56
N CYS K 47 11.62 4.75 23.47
CA CYS K 47 12.76 4.14 24.16
C CYS K 47 12.31 2.94 24.97
N PRO K 48 13.08 1.85 24.98
CA PRO K 48 12.81 0.78 25.94
C PRO K 48 12.90 1.24 27.38
N THR K 49 13.79 2.17 27.68
CA THR K 49 14.01 2.64 29.04
C THR K 49 13.22 3.90 29.39
N CYS K 50 13.47 5.01 28.70
CA CYS K 50 12.84 6.27 29.05
C CYS K 50 11.57 6.54 28.27
N ASN K 51 11.20 5.69 27.32
CA ASN K 51 9.98 5.78 26.53
C ASN K 51 9.85 7.09 25.76
N LYS K 52 10.96 7.82 25.59
CA LYS K 52 10.93 9.05 24.81
C LYS K 52 10.94 8.68 23.32
N ALA K 53 10.21 9.43 22.51
CA ALA K 53 10.14 9.16 21.09
C ALA K 53 11.51 9.33 20.44
N PHE K 54 11.74 8.56 19.38
CA PHE K 54 13.00 8.62 18.65
C PHE K 54 12.77 8.10 17.24
N SER K 55 13.79 8.26 16.41
CA SER K 55 13.73 7.84 15.02
C SER K 55 14.97 7.02 14.69
N SER K 56 15.03 6.53 13.46
CA SER K 56 16.21 5.81 13.00
C SER K 56 17.44 6.71 12.97
N ASN K 57 17.26 7.96 12.51
CA ASN K 57 18.41 8.86 12.43
C ASN K 57 18.88 9.31 13.80
N ASP K 58 18.05 9.10 14.84
CA ASP K 58 18.49 9.35 16.20
C ASP K 58 19.28 8.17 16.77
N LEU K 59 19.65 7.20 15.95
CA LEU K 59 20.41 6.04 16.39
C LEU K 59 21.82 6.10 15.82
N LEU K 60 22.82 5.91 16.69
CA LEU K 60 24.22 5.96 16.29
C LEU K 60 24.97 4.78 16.88
N THR K 61 25.80 4.13 16.08
CA THR K 61 26.57 2.99 16.56
C THR K 61 27.68 3.46 17.49
N VAL K 62 28.10 2.57 18.40
CA VAL K 62 29.21 2.84 19.30
C VAL K 62 30.14 1.63 19.30
N HIS K 63 31.41 1.89 19.58
CA HIS K 63 32.42 0.85 19.70
C HIS K 63 32.83 0.74 21.15
N LEU K 64 33.09 -0.48 21.61
CA LEU K 64 33.48 -0.70 22.99
C LEU K 64 32.88 0.36 23.90
N GLU L 2 38.98 -11.38 32.17
CA GLU L 2 37.74 -10.71 31.77
C GLU L 2 37.41 -9.55 32.70
N LEU L 3 37.80 -9.62 33.97
CA LEU L 3 37.60 -8.50 34.87
C LEU L 3 38.45 -7.31 34.46
N ALA L 4 39.70 -7.55 34.08
CA ALA L 4 40.54 -6.47 33.57
C ALA L 4 39.97 -5.91 32.27
N ASN L 5 39.47 -6.79 31.40
CA ASN L 5 38.84 -6.35 30.16
C ASN L 5 37.64 -5.45 30.45
N PHE L 6 36.83 -5.83 31.45
CA PHE L 6 35.70 -5.00 31.84
C PHE L 6 36.14 -3.67 32.43
N ARG L 7 37.24 -3.67 33.19
CA ARG L 7 37.75 -2.41 33.73
C ARG L 7 38.16 -1.48 32.60
N THR L 8 38.83 -2.03 31.58
CA THR L 8 39.18 -1.22 30.41
C THR L 8 37.95 -0.73 29.67
N LEU L 9 36.93 -1.58 29.50
CA LEU L 9 35.71 -1.16 28.80
C LEU L 9 34.96 -0.08 29.57
N VAL L 10 34.88 -0.22 30.89
CA VAL L 10 34.11 0.74 31.68
C VAL L 10 34.85 2.07 31.79
N TYR L 11 36.14 2.04 32.08
CA TYR L 11 36.89 3.27 32.26
C TYR L 11 37.39 3.79 30.91
N CYS L 12 37.62 5.10 30.84
CA CYS L 12 38.05 5.72 29.60
C CYS L 12 39.41 5.18 29.16
N SER L 13 39.55 4.95 27.85
CA SER L 13 40.79 4.41 27.32
C SER L 13 41.97 5.34 27.56
N LEU L 14 41.77 6.65 27.48
CA LEU L 14 42.83 7.62 27.70
C LEU L 14 43.19 7.75 29.18
N CYS L 15 42.21 7.67 30.06
CA CYS L 15 42.42 7.91 31.48
C CYS L 15 42.40 6.67 32.34
N SER L 16 41.57 5.67 32.00
CA SER L 16 41.44 4.44 32.78
C SER L 16 40.98 4.72 34.21
N LYS L 17 40.47 5.92 34.47
CA LYS L 17 39.97 6.30 35.78
C LYS L 17 38.60 6.97 35.73
N ASN L 18 38.23 7.56 34.61
CA ASN L 18 36.91 8.15 34.43
C ASN L 18 36.11 7.27 33.49
N TRP L 19 34.88 6.96 33.89
CA TRP L 19 34.06 6.03 33.13
C TRP L 19 33.73 6.60 31.75
N LYS L 20 33.66 5.71 30.77
CA LYS L 20 33.26 6.10 29.42
C LYS L 20 31.82 6.60 29.45
N ASN L 21 31.64 7.90 29.19
CA ASN L 21 30.31 8.47 29.26
C ASN L 21 30.02 9.50 28.17
N MET L 22 30.93 9.69 27.23
CA MET L 22 30.75 10.70 26.20
C MET L 22 31.01 10.08 24.84
N ALA L 23 30.05 10.22 23.92
CA ALA L 23 30.16 9.67 22.58
C ALA L 23 30.54 10.76 21.59
N ILE L 24 31.25 10.35 20.53
CA ILE L 24 31.66 11.25 19.47
C ILE L 24 30.88 10.91 18.21
N LYS L 25 30.12 11.87 17.72
CA LYS L 25 29.22 11.64 16.58
C LYS L 25 29.97 11.27 15.31
N THR L 26 31.18 11.80 15.11
CA THR L 26 31.89 11.59 13.87
C THR L 26 32.48 10.18 13.75
N CYS L 27 32.96 9.60 14.84
CA CYS L 27 33.59 8.28 14.76
C CYS L 27 32.86 7.21 15.56
N GLY L 28 32.00 7.56 16.51
CA GLY L 28 31.28 6.59 17.28
C GLY L 28 32.00 6.00 18.47
N HIS L 29 33.26 6.40 18.70
CA HIS L 29 33.94 5.96 19.90
C HIS L 29 33.38 6.67 21.12
N VAL L 30 33.60 6.06 22.29
CA VAL L 30 33.10 6.60 23.55
C VAL L 30 34.27 6.80 24.50
N PHE L 31 34.31 7.95 25.15
CA PHE L 31 35.35 8.27 26.12
C PHE L 31 34.71 9.04 27.27
N CYS L 32 35.55 9.66 28.10
CA CYS L 32 35.05 10.41 29.24
C CYS L 32 35.13 11.91 28.98
N GLU L 33 34.29 12.65 29.70
CA GLU L 33 34.19 14.09 29.48
C GLU L 33 35.48 14.80 29.86
N ASN L 34 36.14 14.35 30.93
CA ASN L 34 37.43 14.94 31.31
C ASN L 34 38.44 14.80 30.20
N CYS L 35 38.63 13.58 29.69
CA CYS L 35 39.64 13.37 28.66
C CYS L 35 39.29 14.12 27.38
N CYS L 36 38.02 14.13 26.98
CA CYS L 36 37.66 14.79 25.73
C CYS L 36 37.82 16.30 25.84
N LYS L 37 37.42 16.90 26.97
CA LYS L 37 37.61 18.33 27.13
C LYS L 37 39.09 18.69 27.23
N GLU L 38 39.90 17.80 27.82
CA GLU L 38 41.34 18.03 27.84
C GLU L 38 41.91 18.00 26.44
N ARG L 39 41.47 17.06 25.62
CA ARG L 39 41.86 17.03 24.21
C ARG L 39 41.46 18.31 23.50
N LEU L 40 40.23 18.77 23.69
CA LEU L 40 39.76 19.96 23.01
C LEU L 40 40.54 21.19 23.43
N ALA L 41 40.77 21.36 24.73
CA ALA L 41 41.54 22.49 25.22
C ALA L 41 43.01 22.42 24.83
N ALA L 42 43.55 21.23 24.61
CA ALA L 42 44.94 21.05 24.19
C ALA L 42 45.08 20.98 22.68
N ARG L 43 44.03 21.36 21.96
CA ARG L 43 44.05 21.33 20.50
C ARG L 43 44.23 19.90 19.97
N MET L 44 43.94 18.93 20.83
CA MET L 44 44.05 17.50 20.49
C MET L 44 42.68 17.10 19.98
N ARG L 45 42.20 17.80 18.96
CA ARG L 45 40.87 17.58 18.38
C ARG L 45 40.75 16.40 17.41
N LYS L 46 41.72 15.51 17.44
CA LYS L 46 41.73 14.33 16.59
C LYS L 46 41.59 13.09 17.46
N CYS L 47 40.86 12.11 16.95
CA CYS L 47 40.40 10.99 17.77
C CYS L 47 41.57 10.16 18.29
N PRO L 48 41.51 9.64 19.51
CA PRO L 48 42.55 8.71 19.97
C PRO L 48 42.70 7.48 19.10
N THR L 49 41.60 6.94 18.58
CA THR L 49 41.64 5.66 17.88
C THR L 49 41.62 5.79 16.37
N CYS L 50 40.60 6.44 15.81
CA CYS L 50 40.49 6.58 14.36
C CYS L 50 41.00 7.92 13.85
N ASN L 51 41.55 8.77 14.72
CA ASN L 51 42.18 10.05 14.36
C ASN L 51 41.20 11.01 13.68
N LYS L 52 39.91 10.74 13.77
CA LYS L 52 38.91 11.62 13.17
C LYS L 52 38.76 12.92 13.95
N ALA L 53 38.50 14.02 13.24
CA ALA L 53 38.33 15.31 13.89
C ALA L 53 37.06 15.33 14.74
N PHE L 54 37.14 16.03 15.86
CA PHE L 54 36.01 16.15 16.76
C PHE L 54 36.07 17.50 17.47
N SER L 55 34.91 17.99 17.88
CA SER L 55 34.78 19.29 18.52
C SER L 55 33.65 19.21 19.54
N SER L 56 33.43 20.32 20.25
CA SER L 56 32.47 20.33 21.35
C SER L 56 31.07 19.95 20.89
N ASN L 57 30.72 20.28 19.65
CA ASN L 57 29.39 19.93 19.14
C ASN L 57 29.21 18.43 19.00
N ASP L 58 30.30 17.68 18.85
CA ASP L 58 30.21 16.25 18.56
C ASP L 58 30.17 15.40 19.81
N LEU L 59 30.10 16.00 21.00
CA LEU L 59 29.99 15.24 22.24
C LEU L 59 28.56 14.79 22.47
N LEU L 60 28.39 13.51 22.78
CA LEU L 60 27.09 12.92 23.07
C LEU L 60 27.20 12.12 24.36
N THR L 61 26.44 12.52 25.37
CA THR L 61 26.47 11.83 26.65
C THR L 61 25.85 10.45 26.52
N VAL L 62 26.47 9.45 27.13
CA VAL L 62 25.97 8.09 27.13
C VAL L 62 25.69 7.67 28.56
N HIS L 63 24.59 6.96 28.76
CA HIS L 63 24.13 6.56 30.09
C HIS L 63 23.96 5.05 30.12
N LEU L 64 24.98 4.36 30.62
CA LEU L 64 24.98 2.89 30.71
C LEU L 64 24.69 2.24 29.37
N THR M 1 14.04 -23.85 20.49
CA THR M 1 13.83 -22.50 19.98
C THR M 1 14.10 -21.47 21.09
N PRO M 2 14.61 -20.29 20.76
CA PRO M 2 14.84 -19.27 21.79
C PRO M 2 13.58 -18.88 22.55
N ALA M 3 12.42 -19.02 21.93
CA ALA M 3 11.16 -18.75 22.63
C ALA M 3 10.98 -19.71 23.80
N ARG M 4 11.12 -21.01 23.55
CA ARG M 4 11.02 -21.97 24.64
C ARG M 4 12.21 -21.88 25.57
N ARG M 5 13.31 -21.31 25.09
CA ARG M 5 14.48 -21.09 25.93
C ARG M 5 14.06 -20.06 26.98
N ARG M 6 13.50 -18.95 26.52
CA ARG M 6 13.03 -17.90 27.42
C ARG M 6 11.98 -18.48 28.35
N LEU M 7 11.08 -19.30 27.82
CA LEU M 7 10.04 -19.90 28.66
C LEU M 7 10.63 -20.77 29.77
N MET M 8 11.69 -21.52 29.47
CA MET M 8 12.38 -22.27 30.52
C MET M 8 13.05 -21.34 31.52
N ARG M 9 13.61 -20.23 31.04
CA ARG M 9 14.17 -19.23 31.95
C ARG M 9 13.11 -18.71 32.90
N ASP M 10 11.92 -18.41 32.37
CA ASP M 10 10.82 -17.91 33.19
C ASP M 10 10.30 -19.01 34.11
N PHE M 11 10.34 -20.27 33.66
CA PHE M 11 10.02 -21.39 34.54
C PHE M 11 10.93 -21.40 35.76
N LYS M 12 12.25 -21.31 35.52
CA LYS M 12 13.19 -21.27 36.63
C LYS M 12 12.92 -20.08 37.53
N ARG M 13 12.66 -18.92 36.93
CA ARG M 13 12.42 -17.70 37.70
C ARG M 13 11.19 -17.84 38.60
N MET M 14 10.06 -18.23 38.03
CA MET M 14 8.84 -18.33 38.81
C MET M 14 8.81 -19.54 39.72
N LYS M 15 9.72 -20.50 39.52
CA LYS M 15 9.77 -21.65 40.41
C LYS M 15 10.71 -21.42 41.58
N GLU M 16 11.73 -20.57 41.40
CA GLU M 16 12.75 -20.38 42.43
C GLU M 16 12.65 -19.04 43.16
N ASP M 17 12.17 -17.98 42.51
CA ASP M 17 12.14 -16.65 43.10
C ASP M 17 10.78 -16.01 42.87
N ALA M 18 9.71 -16.75 43.16
CA ALA M 18 8.36 -16.23 43.00
C ALA M 18 8.13 -15.02 43.89
N PRO M 19 7.61 -13.94 43.34
CA PRO M 19 7.39 -12.71 44.12
C PRO M 19 6.36 -12.93 45.21
N PRO M 20 6.37 -12.12 46.26
CA PRO M 20 5.44 -12.34 47.38
C PRO M 20 3.99 -12.28 46.94
N GLY M 21 3.20 -13.22 47.47
CA GLY M 21 1.78 -13.27 47.22
C GLY M 21 1.39 -13.79 45.85
N VAL M 22 2.33 -14.15 44.99
CA VAL M 22 2.02 -14.61 43.64
C VAL M 22 2.78 -15.90 43.36
N SER M 23 2.29 -16.65 42.36
CA SER M 23 2.94 -17.87 41.94
C SER M 23 2.58 -18.12 40.48
N ALA M 24 3.42 -18.91 39.82
CA ALA M 24 3.22 -19.26 38.41
C ALA M 24 4.15 -20.41 38.05
N SER M 25 3.68 -21.27 37.15
CA SER M 25 4.49 -22.40 36.72
C SER M 25 3.91 -22.97 35.43
N PRO M 26 4.74 -23.32 34.45
CA PRO M 26 4.24 -23.95 33.24
C PRO M 26 3.93 -25.43 33.46
N LEU M 27 3.19 -25.98 32.51
CA LEU M 27 3.00 -27.42 32.47
C LEU M 27 4.29 -28.10 32.06
N PRO M 28 4.65 -29.21 32.73
CA PRO M 28 5.87 -29.92 32.32
C PRO M 28 5.83 -30.42 30.89
N ASP M 29 4.64 -30.71 30.36
CA ASP M 29 4.49 -31.16 28.99
C ASP M 29 4.28 -30.00 28.02
N ASN M 30 4.02 -28.79 28.53
CA ASN M 30 3.83 -27.63 27.67
C ASN M 30 4.21 -26.38 28.46
N VAL M 31 5.42 -25.86 28.19
CA VAL M 31 5.84 -24.61 28.82
C VAL M 31 5.09 -23.41 28.28
N MET M 32 4.21 -23.61 27.30
CA MET M 32 3.40 -22.54 26.74
C MET M 32 2.12 -22.27 27.51
N VAL M 33 1.78 -23.12 28.48
CA VAL M 33 0.57 -22.93 29.28
C VAL M 33 0.96 -22.94 30.75
N TRP M 34 0.58 -21.88 31.46
CA TRP M 34 0.90 -21.73 32.88
C TRP M 34 -0.38 -21.43 33.64
N ASN M 35 -0.62 -22.20 34.71
CA ASN M 35 -1.71 -21.90 35.62
C ASN M 35 -1.15 -21.20 36.86
N ALA M 36 -1.76 -20.08 37.22
CA ALA M 36 -1.23 -19.23 38.28
C ALA M 36 -2.33 -18.96 39.31
N MET M 37 -1.88 -18.61 40.51
CA MET M 37 -2.76 -18.12 41.56
C MET M 37 -1.99 -17.12 42.40
N ILE M 38 -2.66 -16.03 42.78
CA ILE M 38 -2.04 -14.93 43.49
C ILE M 38 -2.70 -14.79 44.86
N ILE M 39 -1.88 -14.75 45.90
CA ILE M 39 -2.33 -14.39 47.23
C ILE M 39 -2.44 -12.87 47.30
N GLY M 40 -3.58 -12.39 47.78
CA GLY M 40 -3.84 -10.97 47.84
C GLY M 40 -2.79 -10.21 48.62
N PRO M 41 -2.38 -9.07 48.09
CA PRO M 41 -1.31 -8.30 48.74
C PRO M 41 -1.83 -7.61 49.99
N ALA M 42 -0.88 -7.21 50.83
CA ALA M 42 -1.22 -6.54 52.08
C ALA M 42 -1.88 -5.19 51.81
N ASP M 43 -2.53 -4.66 52.84
CA ASP M 43 -3.20 -3.36 52.80
C ASP M 43 -4.28 -3.30 51.73
N THR M 44 -4.98 -4.41 51.49
CA THR M 44 -6.03 -4.46 50.50
C THR M 44 -7.24 -5.21 51.04
N PRO M 45 -8.44 -4.90 50.55
CA PRO M 45 -9.58 -5.79 50.81
C PRO M 45 -9.42 -7.11 50.07
N TYR M 46 -8.55 -7.10 49.06
CA TYR M 46 -8.18 -8.30 48.31
C TYR M 46 -7.15 -9.15 49.04
N GLU M 47 -6.65 -8.70 50.18
CA GLU M 47 -5.54 -9.32 50.88
C GLU M 47 -5.79 -10.79 51.16
N ASP M 48 -4.79 -11.62 50.87
CA ASP M 48 -4.74 -13.06 51.13
C ASP M 48 -5.76 -13.84 50.30
N GLY M 49 -6.43 -13.22 49.34
CA GLY M 49 -7.35 -13.96 48.50
C GLY M 49 -6.62 -14.92 47.58
N THR M 50 -7.34 -15.95 47.13
CA THR M 50 -6.79 -16.99 46.27
C THR M 50 -7.35 -16.78 44.86
N PHE M 51 -6.68 -15.94 44.08
CA PHE M 51 -7.13 -15.59 42.74
C PHE M 51 -6.33 -16.41 41.73
N ARG M 52 -6.94 -17.46 41.19
CA ARG M 52 -6.28 -18.33 40.26
C ARG M 52 -6.33 -17.76 38.85
N LEU M 53 -5.28 -17.98 38.08
CA LEU M 53 -5.18 -17.50 36.70
C LEU M 53 -4.67 -18.62 35.80
N LEU M 54 -5.07 -18.54 34.54
CA LEU M 54 -4.54 -19.40 33.50
C LEU M 54 -3.80 -18.55 32.50
N LEU M 55 -2.52 -18.86 32.30
CA LEU M 55 -1.66 -18.11 31.39
C LEU M 55 -1.26 -19.03 30.25
N GLU M 56 -1.54 -18.59 29.01
CA GLU M 56 -1.24 -19.37 27.82
C GLU M 56 -0.30 -18.56 26.94
N PHE M 57 0.76 -19.21 26.47
CA PHE M 57 1.81 -18.54 25.71
C PHE M 57 1.92 -19.13 24.32
N ASP M 58 2.52 -18.35 23.43
CA ASP M 58 2.73 -18.76 22.04
C ASP M 58 4.19 -18.52 21.69
N GLU M 59 4.57 -18.92 20.47
CA GLU M 59 5.93 -18.68 20.01
C GLU M 59 6.22 -17.19 19.85
N GLU M 60 5.18 -16.36 19.76
CA GLU M 60 5.37 -14.92 19.64
C GLU M 60 5.72 -14.27 20.98
N TYR M 61 5.73 -15.02 22.07
CA TYR M 61 6.29 -14.51 23.30
C TYR M 61 7.81 -14.47 23.19
N PRO M 62 8.46 -13.35 23.59
CA PRO M 62 7.81 -12.14 24.06
C PRO M 62 7.72 -11.03 23.03
N ASN M 63 7.71 -11.38 21.74
CA ASN M 63 7.58 -10.39 20.68
C ASN M 63 6.19 -9.81 20.56
N LYS M 64 5.15 -10.60 20.80
CA LYS M 64 3.77 -10.15 20.73
C LYS M 64 3.11 -10.35 22.09
N PRO M 65 2.20 -9.46 22.48
CA PRO M 65 1.55 -9.57 23.79
C PRO M 65 0.67 -10.81 23.86
N PRO M 66 0.99 -11.73 24.75
CA PRO M 66 0.13 -12.90 24.95
C PRO M 66 -1.07 -12.55 25.82
N HIS M 67 -1.93 -13.54 26.01
CA HIS M 67 -3.13 -13.39 26.81
C HIS M 67 -2.99 -14.13 28.13
N VAL M 68 -3.47 -13.50 29.21
CA VAL M 68 -3.55 -14.14 30.52
C VAL M 68 -5.00 -14.10 30.96
N LYS M 69 -5.51 -15.25 31.40
CA LYS M 69 -6.89 -15.32 31.86
C LYS M 69 -6.89 -15.70 33.33
N PHE M 70 -7.90 -15.22 34.03
CA PHE M 70 -8.13 -15.64 35.40
C PHE M 70 -8.86 -16.97 35.43
N LEU M 71 -8.44 -17.85 36.34
CA LEU M 71 -9.25 -18.99 36.72
C LEU M 71 -10.24 -18.64 37.83
N SER M 72 -10.24 -17.39 38.28
CA SER M 72 -11.17 -16.92 39.28
C SER M 72 -12.03 -15.79 38.72
N GLU M 73 -13.20 -15.58 39.31
CA GLU M 73 -14.08 -14.49 38.89
C GLU M 73 -13.47 -13.14 39.24
N MET M 74 -13.80 -12.12 38.46
CA MET M 74 -13.18 -10.82 38.58
C MET M 74 -14.23 -9.72 38.68
N PHE M 75 -13.93 -8.73 39.53
CA PHE M 75 -14.77 -7.54 39.70
C PHE M 75 -13.85 -6.39 40.07
N HIS M 76 -13.45 -5.61 39.07
CA HIS M 76 -12.47 -4.55 39.30
C HIS M 76 -12.60 -3.52 38.19
N PRO M 77 -12.42 -2.23 38.47
CA PRO M 77 -12.61 -1.22 37.42
C PRO M 77 -11.78 -1.46 36.17
N ASN M 78 -10.56 -1.95 36.31
CA ASN M 78 -9.68 -2.19 35.17
C ASN M 78 -9.63 -3.66 34.77
N VAL M 79 -10.50 -4.49 35.35
CA VAL M 79 -10.52 -5.92 35.06
C VAL M 79 -11.93 -6.31 34.64
N TYR M 80 -12.05 -6.94 33.48
CA TYR M 80 -13.34 -7.45 33.04
C TYR M 80 -13.72 -8.67 33.87
N ALA M 81 -15.04 -8.91 33.94
CA ALA M 81 -15.55 -10.01 34.75
C ALA M 81 -15.06 -11.36 34.25
N ASN M 82 -14.81 -11.50 32.96
CA ASN M 82 -14.42 -12.76 32.36
C ASN M 82 -12.97 -13.13 32.64
N GLY M 83 -12.31 -12.43 33.55
CA GLY M 83 -10.92 -12.68 33.87
C GLY M 83 -9.92 -11.87 33.06
N GLU M 84 -10.39 -11.10 32.09
CA GLU M 84 -9.49 -10.25 31.33
C GLU M 84 -9.26 -8.93 32.06
N ILE M 85 -8.03 -8.42 31.93
CA ILE M 85 -7.59 -7.25 32.67
C ILE M 85 -7.20 -6.17 31.67
N CYS M 86 -7.69 -4.95 31.90
CA CYS M 86 -7.36 -3.82 31.03
C CYS M 86 -5.99 -3.28 31.44
N LEU M 87 -4.94 -3.90 30.90
CA LEU M 87 -3.57 -3.49 31.18
C LEU M 87 -2.80 -3.41 29.87
N ASP M 88 -2.22 -2.24 29.62
CA ASP M 88 -1.53 -2.02 28.34
C ASP M 88 -0.34 -2.95 28.17
N ILE M 89 0.40 -3.23 29.25
CA ILE M 89 1.63 -4.01 29.15
C ILE M 89 1.41 -5.37 28.51
N LEU M 90 0.20 -5.90 28.55
CA LEU M 90 -0.18 -7.07 27.78
C LEU M 90 -1.21 -6.75 26.71
N GLN M 91 -1.66 -5.50 26.63
CA GLN M 91 -2.62 -5.11 25.61
C GLN M 91 -2.02 -4.12 24.62
N ASN M 92 -1.48 -3.00 25.14
CA ASN M 92 -0.99 -1.96 24.26
C ASN M 92 0.48 -1.62 24.48
N ARG M 93 1.02 -1.97 25.65
CA ARG M 93 2.39 -1.63 26.01
C ARG M 93 3.26 -2.87 26.16
N TRP M 94 3.13 -3.81 25.24
CA TRP M 94 3.86 -5.06 25.32
C TRP M 94 5.36 -4.82 25.15
N THR M 95 6.14 -5.39 26.06
CA THR M 95 7.58 -5.26 26.07
C THR M 95 8.22 -6.63 26.26
N PRO M 96 9.20 -6.97 25.42
CA PRO M 96 9.87 -8.27 25.57
C PRO M 96 10.60 -8.42 26.91
N THR M 97 11.12 -7.32 27.44
CA THR M 97 11.85 -7.36 28.70
C THR M 97 10.97 -7.75 29.88
N TYR M 98 9.66 -7.53 29.80
CA TYR M 98 8.76 -7.96 30.86
C TYR M 98 8.68 -9.48 30.90
N ASP M 99 8.86 -10.03 32.09
CA ASP M 99 8.82 -11.47 32.28
C ASP M 99 7.59 -11.85 33.11
N VAL M 100 7.42 -13.14 33.37
CA VAL M 100 6.26 -13.59 34.12
C VAL M 100 6.29 -13.02 35.54
N ALA M 101 7.46 -13.04 36.17
CA ALA M 101 7.59 -12.52 37.53
C ALA M 101 7.29 -11.03 37.58
N SER M 102 7.84 -10.27 36.65
CA SER M 102 7.57 -8.84 36.60
C SER M 102 6.10 -8.55 36.31
N ILE M 103 5.48 -9.34 35.43
CA ILE M 103 4.06 -9.19 35.16
C ILE M 103 3.24 -9.43 36.42
N LEU M 104 3.59 -10.48 37.16
CA LEU M 104 2.85 -10.79 38.39
C LEU M 104 3.06 -9.71 39.44
N THR M 105 4.27 -9.15 39.52
CA THR M 105 4.48 -8.01 40.42
C THR M 105 3.61 -6.83 40.02
N SER M 106 3.54 -6.53 38.73
CA SER M 106 2.68 -5.45 38.27
C SER M 106 1.22 -5.73 38.62
N ILE M 107 0.80 -6.97 38.46
CA ILE M 107 -0.59 -7.34 38.75
C ILE M 107 -0.90 -7.16 40.23
N GLN M 108 0.00 -7.66 41.09
CA GLN M 108 -0.25 -7.55 42.53
C GLN M 108 -0.17 -6.10 43.00
N SER M 109 0.69 -5.30 42.37
CA SER M 109 0.74 -3.87 42.67
C SER M 109 -0.53 -3.14 42.29
N LEU M 110 -1.12 -3.45 41.14
CA LEU M 110 -2.36 -2.81 40.74
C LEU M 110 -3.53 -3.20 41.63
N PHE M 111 -3.39 -4.27 42.42
CA PHE M 111 -4.38 -4.57 43.44
C PHE M 111 -4.44 -3.45 44.48
N ASN M 112 -3.27 -3.04 44.99
CA ASN M 112 -3.23 -1.96 45.96
C ASN M 112 -3.49 -0.61 45.29
N ASP M 113 -3.02 -0.45 44.05
CA ASP M 113 -3.12 0.82 43.33
C ASP M 113 -3.86 0.60 42.02
N PRO M 114 -5.18 0.69 42.02
CA PRO M 114 -5.93 0.59 40.77
C PRO M 114 -5.69 1.80 39.88
N ASN M 115 -6.02 1.63 38.60
CA ASN M 115 -5.88 2.68 37.59
C ASN M 115 -7.22 2.87 36.90
N PRO M 116 -8.21 3.48 37.57
CA PRO M 116 -9.54 3.60 36.97
C PRO M 116 -9.58 4.45 35.71
N ALA M 117 -8.46 5.06 35.30
CA ALA M 117 -8.42 5.75 34.02
C ALA M 117 -8.59 4.78 32.86
N SER M 118 -8.40 3.49 33.10
CA SER M 118 -8.65 2.44 32.12
C SER M 118 -9.79 1.56 32.61
N PRO M 119 -11.04 2.00 32.44
CA PRO M 119 -12.18 1.28 33.05
C PRO M 119 -12.58 0.07 32.21
N ALA M 120 -12.51 -1.11 32.81
CA ALA M 120 -13.03 -2.33 32.21
C ALA M 120 -14.38 -2.74 32.79
N ASN M 121 -14.58 -2.57 34.10
CA ASN M 121 -15.85 -2.84 34.75
C ASN M 121 -16.38 -1.51 35.28
N VAL M 122 -17.42 -0.99 34.61
CA VAL M 122 -17.98 0.30 34.98
C VAL M 122 -18.61 0.24 36.36
N GLU M 123 -19.32 -0.86 36.66
CA GLU M 123 -19.93 -1.01 37.98
C GLU M 123 -18.88 -1.03 39.07
N ALA M 124 -17.79 -1.78 38.84
CA ALA M 124 -16.72 -1.85 39.84
C ALA M 124 -16.05 -0.49 40.01
N ALA M 125 -15.84 0.24 38.91
CA ALA M 125 -15.28 1.59 39.02
C ALA M 125 -16.18 2.51 39.82
N THR M 126 -17.49 2.47 39.56
CA THR M 126 -18.44 3.32 40.28
C THR M 126 -18.46 2.98 41.76
N LEU M 127 -18.49 1.68 42.09
CA LEU M 127 -18.50 1.29 43.49
C LEU M 127 -17.20 1.68 44.18
N PHE M 128 -16.07 1.52 43.49
CA PHE M 128 -14.78 1.85 44.09
C PHE M 128 -14.62 3.35 44.29
N LYS M 129 -15.19 4.17 43.42
CA LYS M 129 -14.96 5.60 43.47
C LYS M 129 -16.00 6.36 44.29
N ASP M 130 -17.26 5.92 44.28
CA ASP M 130 -18.34 6.67 44.90
C ASP M 130 -18.99 5.97 46.08
N HIS M 131 -18.83 4.65 46.20
CA HIS M 131 -19.55 3.84 47.19
C HIS M 131 -18.55 2.91 47.87
N LYS M 132 -17.45 3.50 48.36
CA LYS M 132 -16.34 2.74 48.92
C LYS M 132 -16.79 1.63 49.86
N SER M 133 -17.82 1.90 50.69
CA SER M 133 -18.29 0.88 51.61
C SER M 133 -18.89 -0.31 50.87
N GLN M 134 -19.74 -0.04 49.88
CA GLN M 134 -20.32 -1.12 49.08
C GLN M 134 -19.24 -1.87 48.31
N TYR M 135 -18.25 -1.14 47.78
CA TYR M 135 -17.16 -1.78 47.06
C TYR M 135 -16.37 -2.69 47.98
N VAL M 136 -16.10 -2.24 49.21
CA VAL M 136 -15.38 -3.05 50.18
C VAL M 136 -16.17 -4.30 50.51
N LYS M 137 -17.48 -4.17 50.73
CA LYS M 137 -18.30 -5.34 51.02
C LYS M 137 -18.28 -6.33 49.86
N ARG M 138 -18.44 -5.83 48.63
CA ARG M 138 -18.45 -6.70 47.46
C ARG M 138 -17.10 -7.38 47.29
N VAL M 139 -16.00 -6.66 47.51
CA VAL M 139 -14.68 -7.24 47.35
C VAL M 139 -14.43 -8.29 48.44
N LYS M 140 -14.89 -8.03 49.66
CA LYS M 140 -14.76 -9.04 50.71
C LYS M 140 -15.53 -10.31 50.36
N GLU M 141 -16.76 -10.15 49.85
CA GLU M 141 -17.53 -11.32 49.44
C GLU M 141 -16.85 -12.06 48.30
N THR M 142 -16.29 -11.30 47.34
CA THR M 142 -15.61 -11.92 46.21
C THR M 142 -14.36 -12.68 46.65
N VAL M 143 -13.60 -12.10 47.57
CA VAL M 143 -12.39 -12.76 48.07
C VAL M 143 -12.77 -14.00 48.87
N GLU M 144 -13.87 -13.93 49.62
CA GLU M 144 -14.36 -15.12 50.32
C GLU M 144 -14.75 -16.21 49.34
N LYS M 145 -15.43 -15.84 48.25
CA LYS M 145 -15.76 -16.82 47.22
C LYS M 145 -14.50 -17.39 46.57
N SER M 146 -13.45 -16.56 46.45
CA SER M 146 -12.17 -17.06 45.95
C SER M 146 -11.59 -18.11 46.87
N TRP M 147 -11.69 -17.91 48.19
CA TRP M 147 -11.29 -18.94 49.14
C TRP M 147 -12.13 -20.19 48.96
N GLU M 148 -13.44 -20.01 48.77
CA GLU M 148 -14.34 -21.13 48.54
C GLU M 148 -14.42 -21.46 47.06
#